data_3KHH
#
_entry.id   3KHH
#
_cell.length_a   54.746
_cell.length_b   98.799
_cell.length_c   98.638
_cell.angle_alpha   90.00
_cell.angle_beta   99.08
_cell.angle_gamma   90.00
#
_symmetry.space_group_name_H-M   'P 1 21 1'
#
loop_
_entity.id
_entity.type
_entity.pdbx_description
1 polymer 'DNA polymerase IV'
2 polymer "5'-D(*GP*TP*TP*GP*GP*AP*TP*GP*GP*TP*AP*GP*(DOC))-3'"
3 polymer "5'-D(*CP*CP*TP*A*AP*CP*GP*CP*TP*AP*CP*CP*AP*TP*CP*CP*AP*AP*CP*C)-3'"
4 non-polymer "2'-DEOXYGUANOSINE-5'-TRIPHOSPHATE"
5 non-polymer 'CALCIUM ION'
6 non-polymer 2-AMINOFLUORENE
7 water water
#
loop_
_entity_poly.entity_id
_entity_poly.type
_entity_poly.pdbx_seq_one_letter_code
_entity_poly.pdbx_strand_id
1 'polypeptide(L)'
;GIVLFVDFDYFYAQVEEVLNPSLKGKPVVVCVFSGRFEDSGAVATANYEARKFGVKAGIPIVEAKKILPNAVYLPMRKEV
YQQVSSRIMNLLREYSEKIEIASIDEAYLDISDKVRDYREAYNLGLEIKNKILEKEKITVTVGISKNKVFAKIAADMAKP
NGIKVIDDEEVKRLIRELDIADVPGIGNITAEKLKKLGINKLVDTLSIEFDKLKGMIGEAKAKYLISLARDEYNEPIRTR
VRKSIGRIVTMKRNSRNLEEIKPYLFRAIEESYYKLDKRIPKAIHVVAVTEDLDIVSRGRTFPHGISKETAYSESVKLLQ
KILEEDERKIRRIGVRFSKFI
;
A,B
2 'polydeoxyribonucleotide' (DG)(DT)(DT)(DG)(DG)(DA)(DT)(DG)(DG)(DT)(DA)(DG)(DOC) D,H
3 'polydeoxyribonucleotide' (DC)(DT)(DA)(DA)(DC)(DG)(DC)(DT)(DA)(DC)(DC)(DA)(DT)(DC)(DC)(DA)(DA)(DC)(DC) E,J
#
loop_
_chem_comp.id
_chem_comp.type
_chem_comp.name
_chem_comp.formula
AF non-polymer 2-AMINOFLUORENE 'C13 H11 N'
C RNA linking CYTIDINE-5'-MONOPHOSPHATE 'C9 H14 N3 O8 P'
CA non-polymer 'CALCIUM ION' 'Ca 2'
DA DNA linking 2'-DEOXYADENOSINE-5'-MONOPHOSPHATE 'C10 H14 N5 O6 P'
DC DNA linking 2'-DEOXYCYTIDINE-5'-MONOPHOSPHATE 'C9 H14 N3 O7 P'
DG DNA linking 2'-DEOXYGUANOSINE-5'-MONOPHOSPHATE 'C10 H14 N5 O7 P'
DGT non-polymer 2'-DEOXYGUANOSINE-5'-TRIPHOSPHATE 'C10 H16 N5 O13 P3'
DOC DNA linking 2',3'-DIDEOXYCYTIDINE-5'-MONOPHOSPHATE 'C9 H14 N3 O6 P'
DT DNA linking THYMIDINE-5'-MONOPHOSPHATE 'C10 H15 N2 O8 P'
#
# COMPACT_ATOMS: atom_id res chain seq x y z
N GLY A 1 -21.73 39.56 17.54
CA GLY A 1 -21.58 38.07 17.58
C GLY A 1 -20.21 37.63 17.09
N ILE A 2 -19.65 36.61 17.74
CA ILE A 2 -18.29 36.15 17.41
C ILE A 2 -18.19 34.62 17.36
N VAL A 3 -17.52 34.13 16.33
CA VAL A 3 -17.39 32.72 16.08
C VAL A 3 -15.92 32.33 16.04
N LEU A 4 -15.61 31.21 16.69
CA LEU A 4 -14.27 30.68 16.71
C LEU A 4 -14.30 29.29 16.08
N PHE A 5 -13.52 29.10 15.03
CA PHE A 5 -13.49 27.84 14.30
C PHE A 5 -12.15 27.16 14.54
N VAL A 6 -12.20 25.92 15.02
CA VAL A 6 -11.01 25.12 15.22
C VAL A 6 -10.90 24.07 14.13
N ASP A 7 -9.69 23.90 13.60
CA ASP A 7 -9.40 22.92 12.57
C ASP A 7 -8.08 22.24 12.89
N PHE A 8 -8.12 20.93 13.10
CA PHE A 8 -6.91 20.18 13.49
C PHE A 8 -5.98 20.01 12.30
N ASP A 9 -4.73 20.43 12.46
CA ASP A 9 -3.74 20.35 11.38
C ASP A 9 -3.38 18.91 11.04
N TYR A 10 -3.47 18.59 9.75
CA TYR A 10 -3.16 17.26 9.22
C TYR A 10 -3.48 16.11 10.18
N PHE A 11 -4.75 16.05 10.56
CA PHE A 11 -5.18 15.37 11.77
C PHE A 11 -4.69 13.93 11.92
N TYR A 12 -4.96 13.09 10.92
CA TYR A 12 -4.63 11.65 10.99
C TYR A 12 -3.14 11.43 11.09
N ALA A 13 -2.37 12.16 10.30
CA ALA A 13 -0.93 12.05 10.38
C ALA A 13 -0.46 12.56 11.72
N GLN A 14 -0.97 13.71 12.16
CA GLN A 14 -0.62 14.21 13.49
C GLN A 14 -0.86 13.20 14.60
N VAL A 15 -2.02 12.54 14.57
CA VAL A 15 -2.36 11.54 15.59
C VAL A 15 -1.33 10.41 15.55
N GLU A 16 -1.09 9.89 14.35
CA GLU A 16 -0.06 8.87 14.13
C GLU A 16 1.31 9.31 14.67
N GLU A 17 1.63 10.60 14.53
CA GLU A 17 2.88 11.15 15.10
C GLU A 17 2.85 11.08 16.62
N VAL A 18 1.74 11.47 17.22
CA VAL A 18 1.57 11.35 18.66
C VAL A 18 1.71 9.88 19.11
N LEU A 19 0.94 8.98 18.51
CA LEU A 19 1.00 7.55 18.88
C LEU A 19 2.37 6.91 18.60
N ASN A 20 3.28 7.71 18.02
CA ASN A 20 4.59 7.25 17.57
C ASN A 20 5.51 8.45 17.24
N PRO A 21 6.05 9.14 18.26
CA PRO A 21 6.89 10.33 18.02
C PRO A 21 8.17 10.12 17.20
N SER A 22 8.60 8.88 17.02
CA SER A 22 9.76 8.59 16.17
C SER A 22 9.55 9.14 14.76
N LEU A 23 8.28 9.17 14.34
CA LEU A 23 7.86 9.69 13.04
C LEU A 23 8.03 11.21 12.86
N LYS A 24 8.19 11.95 13.97
CA LYS A 24 8.29 13.42 13.88
C LYS A 24 9.51 13.85 13.06
N GLY A 25 9.29 14.78 12.12
CA GLY A 25 10.34 15.23 11.21
C GLY A 25 10.53 14.36 9.97
N LYS A 26 9.88 13.20 9.97
CA LYS A 26 9.83 12.30 8.81
C LYS A 26 8.58 12.57 7.98
N PRO A 27 8.64 12.32 6.66
CA PRO A 27 7.39 12.43 5.92
C PRO A 27 6.45 11.28 6.28
N VAL A 28 5.24 11.62 6.73
CA VAL A 28 4.28 10.60 7.12
C VAL A 28 3.06 10.75 6.24
N VAL A 29 2.66 9.63 5.65
CA VAL A 29 1.50 9.57 4.76
C VAL A 29 0.50 8.52 5.26
N VAL A 30 -0.74 8.94 5.45
CA VAL A 30 -1.81 8.04 5.88
C VAL A 30 -2.60 7.64 4.66
N CYS A 31 -2.69 6.34 4.41
CA CYS A 31 -3.25 5.83 3.16
C CYS A 31 -4.68 5.36 3.29
N VAL A 32 -5.47 5.53 2.24
CA VAL A 32 -6.76 4.86 2.14
C VAL A 32 -6.83 4.04 0.87
N PHE A 33 -7.57 2.95 0.91
CA PHE A 33 -7.81 2.23 -0.32
C PHE A 33 -9.00 2.88 -1.04
N SER A 34 -8.79 4.11 -1.51
CA SER A 34 -9.87 4.97 -1.98
C SER A 34 -10.33 4.69 -3.42
N GLY A 35 -11.37 5.43 -3.84
CA GLY A 35 -12.21 5.15 -5.00
C GLY A 35 -11.53 4.79 -6.31
N ARG A 36 -10.93 5.80 -6.92
CA ARG A 36 -10.29 5.67 -8.22
C ARG A 36 -9.13 4.67 -8.17
N PHE A 37 -8.36 4.75 -7.09
CA PHE A 37 -7.06 4.11 -7.03
C PHE A 37 -7.07 2.81 -6.26
N GLU A 38 -7.64 1.80 -6.90
CA GLU A 38 -7.76 0.48 -6.32
C GLU A 38 -6.57 -0.39 -6.70
N ASP A 39 -5.41 0.24 -6.91
CA ASP A 39 -4.16 -0.47 -7.12
C ASP A 39 -3.19 -0.28 -5.93
N SER A 40 -2.96 0.97 -5.55
CA SER A 40 -2.05 1.28 -4.44
C SER A 40 -2.68 2.25 -3.44
N GLY A 41 -3.95 2.58 -3.63
CA GLY A 41 -4.61 3.53 -2.75
C GLY A 41 -4.21 4.99 -2.98
N ALA A 42 -4.67 5.83 -2.07
CA ALA A 42 -4.49 7.27 -2.16
C ALA A 42 -4.07 7.87 -0.81
N VAL A 43 -3.56 9.10 -0.86
CA VAL A 43 -3.22 9.82 0.36
C VAL A 43 -4.49 10.32 1.05
N ALA A 44 -4.71 9.90 2.28
CA ALA A 44 -5.79 10.46 3.09
C ALA A 44 -5.33 11.81 3.70
N THR A 45 -4.17 11.79 4.34
CA THR A 45 -3.52 12.99 4.84
C THR A 45 -2.02 12.78 4.79
N ALA A 46 -1.29 13.88 4.69
CA ALA A 46 0.16 13.82 4.85
C ALA A 46 0.54 14.92 5.82
N ASN A 47 1.59 14.69 6.61
CA ASN A 47 2.15 15.77 7.41
C ASN A 47 2.88 16.79 6.53
N TYR A 48 3.20 17.94 7.08
CA TYR A 48 3.86 19.01 6.32
C TYR A 48 5.25 18.63 5.80
N GLU A 49 5.92 17.72 6.49
CA GLU A 49 7.23 17.26 6.06
C GLU A 49 7.10 16.50 4.74
N ALA A 50 5.87 16.09 4.42
CA ALA A 50 5.55 15.44 3.17
C ALA A 50 4.86 16.40 2.19
N ARG A 51 4.05 17.33 2.73
CA ARG A 51 3.37 18.32 1.91
C ARG A 51 4.33 19.29 1.25
N LYS A 52 5.40 19.63 1.96
CA LYS A 52 6.49 20.48 1.47
C LYS A 52 6.95 20.04 0.07
N PHE A 53 6.91 18.73 -0.17
CA PHE A 53 7.33 18.16 -1.43
C PHE A 53 6.18 17.80 -2.35
N GLY A 54 4.96 18.16 -1.95
CA GLY A 54 3.80 18.05 -2.84
C GLY A 54 2.92 16.84 -2.62
N VAL A 55 3.17 16.11 -1.55
CA VAL A 55 2.37 14.95 -1.23
C VAL A 55 1.15 15.45 -0.47
N LYS A 56 0.04 15.60 -1.18
CA LYS A 56 -1.18 16.15 -0.58
C LYS A 56 -2.39 15.21 -0.70
N ALA A 57 -3.36 15.40 0.19
CA ALA A 57 -4.57 14.57 0.25
C ALA A 57 -5.15 14.30 -1.13
N GLY A 58 -5.54 13.05 -1.36
CA GLY A 58 -6.20 12.69 -2.59
C GLY A 58 -5.33 12.32 -3.75
N ILE A 59 -4.03 12.61 -3.71
CA ILE A 59 -3.16 12.15 -4.80
C ILE A 59 -2.94 10.63 -4.70
N PRO A 60 -2.80 9.94 -5.84
CA PRO A 60 -2.63 8.49 -5.70
C PRO A 60 -1.31 8.13 -5.03
N ILE A 61 -1.28 7.02 -4.30
CA ILE A 61 -0.08 6.56 -3.60
C ILE A 61 1.06 6.24 -4.56
N VAL A 62 0.73 5.64 -5.70
CA VAL A 62 1.69 5.42 -6.77
C VAL A 62 2.40 6.73 -7.21
N GLU A 63 1.70 7.85 -7.10
CA GLU A 63 2.31 9.16 -7.36
C GLU A 63 3.08 9.69 -6.16
N ALA A 64 2.60 9.42 -4.95
CA ALA A 64 3.33 9.81 -3.75
C ALA A 64 4.73 9.18 -3.72
N LYS A 65 4.79 7.89 -4.08
CA LYS A 65 6.02 7.11 -3.98
C LYS A 65 7.06 7.61 -4.97
N LYS A 66 6.59 8.16 -6.09
CA LYS A 66 7.46 8.81 -7.06
C LYS A 66 8.08 10.08 -6.50
N ILE A 67 7.38 10.73 -5.56
CA ILE A 67 7.90 11.90 -4.87
C ILE A 67 8.70 11.53 -3.61
N LEU A 68 8.07 10.80 -2.69
CA LEU A 68 8.74 10.42 -1.45
C LEU A 68 8.79 8.92 -1.24
N PRO A 69 9.73 8.24 -1.92
CA PRO A 69 9.77 6.79 -1.83
C PRO A 69 10.20 6.28 -0.47
N ASN A 70 10.83 7.13 0.35
CA ASN A 70 11.28 6.72 1.69
C ASN A 70 10.36 7.15 2.82
N ALA A 71 9.24 7.76 2.48
CA ALA A 71 8.29 8.22 3.50
C ALA A 71 7.63 7.04 4.18
N VAL A 72 6.99 7.31 5.32
CA VAL A 72 6.26 6.30 6.05
C VAL A 72 4.82 6.26 5.59
N TYR A 73 4.40 5.09 5.13
CA TYR A 73 3.06 4.89 4.66
C TYR A 73 2.28 4.08 5.68
N LEU A 74 1.25 4.71 6.23
CA LEU A 74 0.49 4.10 7.31
C LEU A 74 -0.91 3.77 6.88
N PRO A 75 -1.43 2.62 7.35
CA PRO A 75 -2.82 2.31 7.13
C PRO A 75 -3.66 3.28 7.95
N MET A 76 -4.82 3.67 7.45
CA MET A 76 -5.60 4.62 8.21
C MET A 76 -6.41 3.91 9.28
N ARG A 77 -6.42 4.46 10.48
CA ARG A 77 -7.12 3.84 11.58
C ARG A 77 -8.17 4.80 12.11
N LYS A 78 -9.28 4.90 11.38
CA LYS A 78 -10.31 5.92 11.64
C LYS A 78 -10.83 5.87 13.09
N GLU A 79 -10.99 4.66 13.60
CA GLU A 79 -11.49 4.44 14.96
C GLU A 79 -10.61 5.11 16.02
N VAL A 80 -9.29 5.08 15.81
CA VAL A 80 -8.34 5.80 16.68
C VAL A 80 -8.55 7.32 16.56
N TYR A 81 -8.65 7.82 15.33
CA TYR A 81 -8.73 9.24 15.13
C TYR A 81 -10.05 9.79 15.67
N GLN A 82 -11.05 8.92 15.74
CA GLN A 82 -12.37 9.33 16.24
C GLN A 82 -12.35 9.55 17.75
N GLN A 83 -11.66 8.67 18.46
CA GLN A 83 -11.49 8.77 19.89
C GLN A 83 -10.81 10.08 20.23
N VAL A 84 -9.61 10.26 19.67
CA VAL A 84 -8.81 11.45 19.92
C VAL A 84 -9.66 12.70 19.66
N SER A 85 -10.30 12.73 18.51
CA SER A 85 -11.18 13.84 18.16
C SER A 85 -12.18 14.14 19.26
N SER A 86 -12.91 13.12 19.71
CA SER A 86 -13.95 13.31 20.70
C SER A 86 -13.41 13.87 22.01
N ARG A 87 -12.19 13.48 22.36
CA ARG A 87 -11.52 14.04 23.53
C ARG A 87 -11.21 15.52 23.33
N ILE A 88 -10.86 15.91 22.10
CA ILE A 88 -10.65 17.32 21.78
C ILE A 88 -11.94 18.14 21.81
N MET A 89 -13.02 17.57 21.28
CA MET A 89 -14.32 18.23 21.30
C MET A 89 -14.75 18.51 22.73
N ASN A 90 -14.50 17.56 23.62
CA ASN A 90 -14.79 17.76 25.03
C ASN A 90 -14.06 18.96 25.60
N LEU A 91 -12.80 19.11 25.20
CA LEU A 91 -12.00 20.24 25.62
C LEU A 91 -12.57 21.54 25.10
N LEU A 92 -13.17 21.49 23.91
CA LEU A 92 -13.76 22.66 23.30
C LEU A 92 -15.02 23.06 24.02
N ARG A 93 -15.76 22.05 24.46
CA ARG A 93 -17.00 22.23 25.22
C ARG A 93 -16.79 23.00 26.51
N GLU A 94 -15.64 22.80 27.14
CA GLU A 94 -15.32 23.50 28.38
C GLU A 94 -15.04 24.99 28.15
N TYR A 95 -14.98 25.43 26.89
CA TYR A 95 -14.82 26.84 26.55
C TYR A 95 -16.14 27.49 26.17
N SER A 96 -16.94 26.77 25.40
CA SER A 96 -18.31 27.17 25.08
C SER A 96 -19.21 25.96 25.02
N GLU A 97 -20.42 26.07 25.55
CA GLU A 97 -21.37 24.96 25.42
C GLU A 97 -21.97 24.94 24.02
N LYS A 98 -22.14 26.13 23.45
CA LYS A 98 -22.57 26.27 22.04
C LYS A 98 -21.45 25.82 21.08
N ILE A 99 -21.44 24.55 20.69
CA ILE A 99 -20.47 24.07 19.69
C ILE A 99 -21.08 23.22 18.58
N GLU A 100 -20.51 23.34 17.39
CA GLU A 100 -20.96 22.62 16.22
C GLU A 100 -19.82 21.79 15.65
N ILE A 101 -19.92 20.47 15.81
CA ILE A 101 -18.95 19.54 15.22
C ILE A 101 -19.19 19.41 13.72
N ALA A 102 -18.35 20.04 12.92
CA ALA A 102 -18.51 20.02 11.47
C ALA A 102 -17.96 18.72 10.85
N SER A 103 -16.94 18.13 11.47
CA SER A 103 -16.40 16.86 11.01
C SER A 103 -15.43 16.35 12.04
N ILE A 104 -14.68 15.31 11.68
CA ILE A 104 -13.78 14.68 12.65
C ILE A 104 -12.73 15.66 13.19
N ASP A 105 -12.39 16.69 12.40
CA ASP A 105 -11.34 17.63 12.81
C ASP A 105 -11.73 19.11 12.75
N GLU A 106 -13.03 19.40 12.76
CA GLU A 106 -13.50 20.76 12.59
C GLU A 106 -14.66 21.06 13.53
N ALA A 107 -14.56 22.17 14.26
CA ALA A 107 -15.65 22.62 15.11
C ALA A 107 -15.79 24.13 15.15
N TYR A 108 -17.03 24.59 15.15
CA TYR A 108 -17.35 25.98 15.32
C TYR A 108 -17.72 26.22 16.77
N LEU A 109 -17.40 27.42 17.26
CA LEU A 109 -17.78 27.84 18.61
C LEU A 109 -18.39 29.23 18.58
N ASP A 110 -19.49 29.41 19.30
CA ASP A 110 -19.97 30.75 19.57
C ASP A 110 -19.35 31.23 20.87
N ILE A 111 -18.52 32.25 20.78
CA ILE A 111 -17.84 32.77 21.95
C ILE A 111 -18.28 34.19 22.31
N SER A 112 -19.40 34.62 21.75
CA SER A 112 -19.93 35.98 21.96
C SER A 112 -20.09 36.33 23.43
N ASP A 113 -20.60 35.38 24.21
CA ASP A 113 -20.81 35.57 25.64
C ASP A 113 -19.55 35.27 26.45
N LYS A 114 -18.45 34.92 25.80
CA LYS A 114 -17.20 34.60 26.50
C LYS A 114 -16.17 35.72 26.39
N VAL A 115 -16.29 36.53 25.34
CA VAL A 115 -15.37 37.65 25.10
C VAL A 115 -16.10 38.95 24.79
N ARG A 116 -15.37 40.05 24.83
CA ARG A 116 -15.94 41.39 24.61
C ARG A 116 -15.65 41.93 23.21
N ASP A 117 -14.55 41.47 22.60
CA ASP A 117 -14.13 41.90 21.26
C ASP A 117 -13.04 40.97 20.71
N TYR A 118 -12.49 41.33 19.54
CA TYR A 118 -11.54 40.47 18.85
C TYR A 118 -10.17 40.34 19.53
N ARG A 119 -9.78 41.35 20.29
CA ARG A 119 -8.50 41.26 21.01
C ARG A 119 -8.55 40.09 22.00
N GLU A 120 -9.58 40.11 22.84
CA GLU A 120 -9.83 39.03 23.80
C GLU A 120 -10.07 37.67 23.13
N ALA A 121 -10.67 37.70 21.94
CA ALA A 121 -10.94 36.46 21.18
C ALA A 121 -9.65 35.78 20.74
N TYR A 122 -8.71 36.58 20.26
CA TYR A 122 -7.40 36.08 19.85
C TYR A 122 -6.73 35.33 21.00
N ASN A 123 -6.84 35.88 22.21
CA ASN A 123 -6.25 35.27 23.40
C ASN A 123 -6.95 33.97 23.80
N LEU A 124 -8.27 33.93 23.67
CA LEU A 124 -8.99 32.68 23.89
C LEU A 124 -8.51 31.60 22.92
N GLY A 125 -8.40 31.96 21.65
CA GLY A 125 -7.77 31.11 20.65
C GLY A 125 -6.42 30.60 21.14
N LEU A 126 -5.57 31.52 21.59
CA LEU A 126 -4.25 31.14 22.07
C LEU A 126 -4.35 30.14 23.21
N GLU A 127 -5.31 30.37 24.10
CA GLU A 127 -5.54 29.48 25.23
C GLU A 127 -5.99 28.12 24.72
N ILE A 128 -6.91 28.11 23.76
CA ILE A 128 -7.46 26.87 23.20
C ILE A 128 -6.38 26.07 22.49
N LYS A 129 -5.68 26.72 21.56
CA LYS A 129 -4.49 26.14 20.92
C LYS A 129 -3.53 25.59 21.97
N ASN A 130 -3.39 26.31 23.08
CA ASN A 130 -2.48 25.90 24.14
C ASN A 130 -2.99 24.66 24.87
N LYS A 131 -4.29 24.58 25.10
CA LYS A 131 -4.88 23.45 25.81
C LYS A 131 -4.79 22.14 25.02
N ILE A 132 -5.11 22.18 23.72
CA ILE A 132 -5.08 21.00 22.86
C ILE A 132 -3.66 20.44 22.76
N LEU A 133 -2.69 21.34 22.57
CA LEU A 133 -1.28 20.96 22.46
C LEU A 133 -0.83 20.34 23.78
N GLU A 134 -1.27 20.95 24.87
CA GLU A 134 -0.99 20.44 26.20
C GLU A 134 -1.57 19.04 26.37
N LYS A 135 -2.88 18.91 26.17
CA LYS A 135 -3.60 17.69 26.52
C LYS A 135 -3.60 16.58 25.46
N GLU A 136 -3.40 16.95 24.20
CA GLU A 136 -3.42 15.95 23.11
C GLU A 136 -2.21 16.04 22.19
N LYS A 137 -1.36 17.05 22.42
CA LYS A 137 -0.16 17.30 21.59
C LYS A 137 -0.50 17.44 20.10
N ILE A 138 -1.51 18.25 19.81
CA ILE A 138 -2.01 18.42 18.46
C ILE A 138 -2.01 19.91 18.16
N THR A 139 -1.32 20.32 17.11
CA THR A 139 -1.40 21.69 16.65
C THR A 139 -2.67 21.84 15.85
N VAL A 140 -3.38 22.94 16.08
CA VAL A 140 -4.63 23.25 15.41
C VAL A 140 -4.56 24.65 14.88
N THR A 141 -5.46 24.98 13.97
CA THR A 141 -5.56 26.34 13.48
C THR A 141 -6.88 26.94 13.93
N VAL A 142 -6.82 28.21 14.33
CA VAL A 142 -7.98 28.89 14.85
C VAL A 142 -8.40 30.05 13.93
N GLY A 143 -9.67 30.05 13.54
CA GLY A 143 -10.23 31.14 12.75
C GLY A 143 -11.29 31.85 13.55
N ILE A 144 -11.16 33.17 13.64
CA ILE A 144 -12.14 33.99 14.37
C ILE A 144 -12.73 35.06 13.47
N SER A 145 -14.06 35.12 13.44
CA SER A 145 -14.78 36.17 12.74
C SER A 145 -16.20 36.36 13.27
N LYS A 146 -16.99 37.17 12.57
CA LYS A 146 -18.35 37.49 13.00
C LYS A 146 -19.38 36.41 12.63
N ASN A 147 -18.98 35.43 11.81
CA ASN A 147 -19.85 34.31 11.46
C ASN A 147 -19.09 33.03 11.08
N LYS A 148 -19.82 31.92 10.99
CA LYS A 148 -19.24 30.60 10.70
C LYS A 148 -18.37 30.57 9.44
N VAL A 149 -18.90 31.12 8.36
CA VAL A 149 -18.25 31.09 7.07
C VAL A 149 -16.91 31.83 7.11
N PHE A 150 -16.93 33.04 7.66
CA PHE A 150 -15.72 33.84 7.74
C PHE A 150 -14.70 33.31 8.74
N ALA A 151 -15.19 32.77 9.85
CA ALA A 151 -14.35 32.05 10.80
C ALA A 151 -13.59 30.95 10.08
N LYS A 152 -14.28 30.24 9.18
CA LYS A 152 -13.69 29.15 8.40
C LYS A 152 -12.61 29.64 7.43
N ILE A 153 -12.92 30.69 6.67
CA ILE A 153 -11.96 31.25 5.71
C ILE A 153 -10.71 31.73 6.46
N ALA A 154 -10.91 32.39 7.59
CA ALA A 154 -9.82 32.76 8.47
C ALA A 154 -8.86 31.61 8.71
N ALA A 155 -9.36 30.50 9.24
CA ALA A 155 -8.51 29.33 9.50
C ALA A 155 -7.80 28.82 8.24
N ASP A 156 -8.50 28.87 7.10
CA ASP A 156 -7.91 28.48 5.82
C ASP A 156 -6.69 29.33 5.45
N MET A 157 -6.69 30.58 5.86
CA MET A 157 -5.63 31.52 5.54
C MET A 157 -4.42 31.32 6.44
N ALA A 158 -4.65 30.74 7.61
CA ALA A 158 -3.64 30.64 8.65
C ALA A 158 -3.06 29.23 8.79
N LYS A 159 -3.66 28.26 8.11
CA LYS A 159 -3.19 26.85 8.14
C LYS A 159 -1.73 26.75 7.74
N PRO A 160 -0.94 25.94 8.46
CA PRO A 160 -1.24 25.19 9.69
C PRO A 160 -0.80 25.97 10.93
N ASN A 161 -0.92 25.35 12.10
CA ASN A 161 -0.56 25.96 13.38
C ASN A 161 -0.71 27.48 13.39
N GLY A 162 -1.85 27.97 12.91
CA GLY A 162 -2.08 29.40 12.80
C GLY A 162 -3.23 29.93 13.63
N ILE A 163 -3.32 31.26 13.69
CA ILE A 163 -4.48 31.91 14.26
C ILE A 163 -4.73 33.22 13.51
N LYS A 164 -5.99 33.47 13.17
CA LYS A 164 -6.35 34.69 12.46
C LYS A 164 -7.72 35.21 12.85
N VAL A 165 -7.83 36.52 12.94
CA VAL A 165 -9.11 37.21 13.09
C VAL A 165 -9.42 37.96 11.80
N ILE A 166 -10.62 37.76 11.28
CA ILE A 166 -11.10 38.61 10.20
C ILE A 166 -12.07 39.65 10.78
N ASP A 167 -11.58 40.89 10.95
CA ASP A 167 -12.40 41.93 11.58
C ASP A 167 -13.53 42.39 10.67
N ASP A 168 -14.42 43.25 11.18
CA ASP A 168 -15.60 43.66 10.43
C ASP A 168 -15.25 44.37 9.12
N GLU A 169 -14.13 45.09 9.13
CA GLU A 169 -13.60 45.74 7.92
C GLU A 169 -13.07 44.75 6.90
N GLU A 170 -12.22 43.81 7.35
CA GLU A 170 -11.62 42.83 6.44
C GLU A 170 -12.69 41.92 5.82
N VAL A 171 -13.75 41.66 6.59
CA VAL A 171 -14.94 40.99 6.06
C VAL A 171 -15.43 41.76 4.85
N LYS A 172 -15.59 43.08 5.01
CA LYS A 172 -16.01 43.96 3.91
C LYS A 172 -15.01 43.94 2.76
N ARG A 173 -13.72 43.84 3.10
CA ARG A 173 -12.68 43.77 2.08
C ARG A 173 -12.81 42.49 1.30
N LEU A 174 -12.92 41.37 2.01
CA LEU A 174 -13.02 40.03 1.40
C LEU A 174 -14.24 39.84 0.51
N ILE A 175 -15.36 40.45 0.89
CA ILE A 175 -16.57 40.48 0.07
C ILE A 175 -16.28 41.07 -1.33
N ARG A 176 -15.25 41.92 -1.39
CA ARG A 176 -14.82 42.56 -2.64
C ARG A 176 -13.53 41.96 -3.22
N GLU A 177 -12.72 41.31 -2.38
CA GLU A 177 -11.35 40.96 -2.76
C GLU A 177 -11.11 39.46 -2.95
N LEU A 178 -11.79 38.63 -2.16
CA LEU A 178 -11.55 37.18 -2.16
C LEU A 178 -12.19 36.48 -3.35
N ASP A 179 -11.49 35.46 -3.85
CA ASP A 179 -11.98 34.58 -4.92
C ASP A 179 -13.18 33.79 -4.42
N ILE A 180 -14.28 33.84 -5.17
CA ILE A 180 -15.53 33.17 -4.81
C ILE A 180 -15.33 31.69 -4.48
N ALA A 181 -14.36 31.06 -5.15
CA ALA A 181 -14.08 29.64 -5.01
C ALA A 181 -13.65 29.26 -3.61
N ASP A 182 -12.94 30.18 -2.95
CA ASP A 182 -12.41 29.93 -1.62
C ASP A 182 -13.46 30.09 -0.49
N VAL A 183 -14.72 30.29 -0.86
CA VAL A 183 -15.82 30.35 0.08
C VAL A 183 -16.35 28.95 0.32
N PRO A 184 -16.50 28.53 1.59
CA PRO A 184 -17.04 27.22 1.93
C PRO A 184 -18.36 26.95 1.20
N GLY A 185 -18.48 25.75 0.66
CA GLY A 185 -19.69 25.35 -0.05
C GLY A 185 -19.61 25.61 -1.54
N ILE A 186 -18.46 26.10 -1.98
CA ILE A 186 -18.22 26.38 -3.38
C ILE A 186 -17.02 25.55 -3.86
N GLY A 187 -17.32 24.50 -4.63
CA GLY A 187 -16.29 23.61 -5.16
C GLY A 187 -16.04 23.91 -6.63
N ASN A 188 -15.38 22.99 -7.31
CA ASN A 188 -14.98 23.20 -8.71
C ASN A 188 -16.15 23.39 -9.65
N ILE A 189 -17.20 22.59 -9.46
CA ILE A 189 -18.39 22.61 -10.32
C ILE A 189 -19.18 23.93 -10.21
N THR A 190 -19.36 24.42 -9.00
CA THR A 190 -20.15 25.63 -8.78
C THR A 190 -19.39 26.87 -9.22
N ALA A 191 -18.10 26.91 -8.90
CA ALA A 191 -17.22 27.99 -9.34
C ALA A 191 -17.20 28.18 -10.85
N GLU A 192 -17.17 27.08 -11.62
CA GLU A 192 -17.28 27.16 -13.08
C GLU A 192 -18.55 27.89 -13.45
N LYS A 193 -19.67 27.46 -12.89
CA LYS A 193 -20.96 28.10 -13.13
C LYS A 193 -20.97 29.60 -12.80
N LEU A 194 -20.03 30.04 -11.95
CA LEU A 194 -19.92 31.45 -11.56
C LEU A 194 -18.84 32.23 -12.32
N LYS A 195 -17.66 31.62 -12.51
CA LYS A 195 -16.54 32.20 -13.28
C LYS A 195 -16.89 32.38 -14.75
N LYS A 196 -17.67 31.43 -15.30
CA LYS A 196 -18.18 31.53 -16.66
C LYS A 196 -19.12 32.74 -16.81
N LEU A 197 -19.95 32.97 -15.79
CA LEU A 197 -20.98 34.02 -15.84
C LEU A 197 -20.59 35.37 -15.19
N GLY A 198 -19.30 35.53 -14.90
CA GLY A 198 -18.76 36.81 -14.42
C GLY A 198 -18.85 37.08 -12.93
N ILE A 199 -19.03 36.04 -12.14
CA ILE A 199 -19.12 36.18 -10.69
C ILE A 199 -17.85 35.63 -10.04
N ASN A 200 -16.95 36.53 -9.64
CA ASN A 200 -15.67 36.16 -9.05
C ASN A 200 -15.51 36.55 -7.59
N LYS A 201 -16.28 37.58 -7.19
CA LYS A 201 -16.34 38.02 -5.81
C LYS A 201 -17.72 37.70 -5.27
N LEU A 202 -17.90 37.87 -3.96
CA LEU A 202 -19.23 37.78 -3.37
C LEU A 202 -20.11 38.94 -3.85
N VAL A 203 -19.54 40.15 -3.88
CA VAL A 203 -20.27 41.36 -4.27
C VAL A 203 -20.95 41.25 -5.65
N ASP A 204 -20.35 40.48 -6.56
CA ASP A 204 -20.90 40.29 -7.90
C ASP A 204 -22.29 39.67 -7.86
N THR A 205 -22.59 38.94 -6.78
CA THR A 205 -23.88 38.28 -6.63
C THR A 205 -25.02 39.25 -6.34
N LEU A 206 -24.68 40.43 -5.83
CA LEU A 206 -25.67 41.49 -5.60
C LEU A 206 -26.12 42.15 -6.90
N SER A 207 -25.26 42.09 -7.92
CA SER A 207 -25.56 42.65 -9.25
C SER A 207 -26.64 41.85 -9.97
N ILE A 208 -26.44 40.54 -10.04
CA ILE A 208 -27.24 39.63 -10.85
C ILE A 208 -28.62 39.36 -10.23
N GLU A 209 -29.65 39.26 -11.06
CA GLU A 209 -31.02 39.06 -10.59
C GLU A 209 -31.26 37.64 -10.07
N PHE A 210 -32.10 37.54 -9.05
CA PHE A 210 -32.19 36.32 -8.23
C PHE A 210 -32.58 35.04 -8.99
N ASP A 211 -33.53 35.16 -9.93
CA ASP A 211 -34.05 33.99 -10.64
C ASP A 211 -33.04 33.29 -11.55
N LYS A 212 -32.20 34.05 -12.22
CA LYS A 212 -31.19 33.47 -13.11
C LYS A 212 -30.05 32.86 -12.34
N LEU A 213 -29.84 33.36 -11.12
CA LEU A 213 -28.88 32.78 -10.19
C LEU A 213 -29.45 31.52 -9.55
N LYS A 214 -30.73 31.57 -9.19
CA LYS A 214 -31.46 30.41 -8.67
C LYS A 214 -31.40 29.26 -9.67
N GLY A 215 -31.75 29.54 -10.92
CA GLY A 215 -31.71 28.54 -11.99
C GLY A 215 -30.31 28.40 -12.56
N MET A 216 -29.38 27.98 -11.71
CA MET A 216 -27.97 27.85 -12.07
C MET A 216 -27.19 27.17 -10.95
N ILE A 217 -27.43 27.62 -9.71
CA ILE A 217 -26.76 27.04 -8.54
C ILE A 217 -27.73 26.68 -7.42
N GLY A 218 -29.01 26.91 -7.68
CA GLY A 218 -30.06 26.54 -6.72
C GLY A 218 -30.43 27.69 -5.79
N GLU A 219 -31.64 27.60 -5.25
CA GLU A 219 -32.16 28.55 -4.27
C GLU A 219 -31.26 28.68 -3.03
N ALA A 220 -30.79 27.54 -2.51
CA ALA A 220 -29.98 27.52 -1.29
C ALA A 220 -28.64 28.23 -1.43
N LYS A 221 -27.83 27.81 -2.39
CA LYS A 221 -26.54 28.46 -2.64
C LYS A 221 -26.68 29.94 -3.01
N ALA A 222 -27.74 30.29 -3.73
CA ALA A 222 -28.00 31.67 -4.12
C ALA A 222 -28.27 32.56 -2.89
N LYS A 223 -29.29 32.19 -2.11
CA LYS A 223 -29.59 32.89 -0.86
C LYS A 223 -28.35 32.97 0.04
N TYR A 224 -27.58 31.89 0.03
CA TYR A 224 -26.38 31.75 0.86
C TYR A 224 -25.30 32.76 0.48
N LEU A 225 -25.03 32.87 -0.81
CA LEU A 225 -24.00 33.78 -1.31
C LEU A 225 -24.43 35.26 -1.23
N ILE A 226 -25.71 35.51 -1.50
CA ILE A 226 -26.33 36.84 -1.39
C ILE A 226 -26.16 37.32 0.05
N SER A 227 -26.61 36.49 0.98
CA SER A 227 -26.50 36.74 2.41
C SER A 227 -25.09 37.12 2.86
N LEU A 228 -24.08 36.46 2.29
CA LEU A 228 -22.69 36.72 2.63
C LEU A 228 -22.20 38.05 2.09
N ALA A 229 -22.58 38.35 0.86
CA ALA A 229 -22.15 39.58 0.19
C ALA A 229 -22.83 40.80 0.80
N ARG A 230 -24.10 40.63 1.13
CA ARG A 230 -24.93 41.64 1.77
C ARG A 230 -24.50 41.85 3.23
N ASP A 231 -23.62 40.95 3.71
CA ASP A 231 -23.08 40.97 5.07
C ASP A 231 -24.16 40.66 6.12
N GLU A 232 -25.16 39.87 5.73
CA GLU A 232 -26.29 39.59 6.60
C GLU A 232 -26.29 38.16 7.13
N TYR A 233 -25.22 37.42 6.84
CA TYR A 233 -25.15 35.99 7.18
C TYR A 233 -25.10 35.72 8.67
N ASN A 234 -26.20 35.14 9.16
CA ASN A 234 -26.45 35.03 10.58
C ASN A 234 -26.94 33.63 10.95
N GLU A 235 -26.17 32.62 10.56
CA GLU A 235 -26.54 31.25 10.89
C GLU A 235 -26.00 30.83 12.24
N PRO A 236 -26.89 30.42 13.15
CA PRO A 236 -26.50 30.01 14.49
C PRO A 236 -25.66 28.73 14.51
N ILE A 237 -24.88 28.60 15.59
CA ILE A 237 -24.07 27.43 15.85
C ILE A 237 -25.00 26.34 16.39
N ARG A 238 -25.33 25.34 15.58
CA ARG A 238 -26.22 24.28 16.08
C ARG A 238 -25.61 22.88 16.15
N THR A 239 -26.13 22.09 17.10
CA THR A 239 -25.74 20.70 17.26
C THR A 239 -26.12 19.90 16.01
N ARG A 240 -25.12 19.30 15.38
CA ARG A 240 -25.35 18.37 14.29
C ARG A 240 -25.72 17.00 14.89
N VAL A 241 -26.72 16.35 14.31
CA VAL A 241 -27.03 14.98 14.70
C VAL A 241 -26.92 14.06 13.50
N ARG A 242 -26.35 12.89 13.72
CA ARG A 242 -26.23 11.89 12.68
C ARG A 242 -27.61 11.60 12.09
N LYS A 243 -27.71 11.67 10.77
CA LYS A 243 -28.99 11.50 10.09
C LYS A 243 -29.05 10.25 9.22
N SER A 244 -27.92 9.57 9.05
CA SER A 244 -27.87 8.34 8.25
C SER A 244 -26.58 7.57 8.49
N ILE A 245 -26.68 6.25 8.38
CA ILE A 245 -25.57 5.34 8.62
C ILE A 245 -25.59 4.37 7.46
N GLY A 246 -24.48 4.29 6.76
CA GLY A 246 -24.39 3.38 5.64
C GLY A 246 -23.02 2.76 5.50
N ARG A 247 -22.90 1.89 4.49
CA ARG A 247 -21.71 1.12 4.27
C ARG A 247 -21.70 0.68 2.81
N ILE A 248 -20.52 0.73 2.18
CA ILE A 248 -20.35 0.22 0.82
C ILE A 248 -19.22 -0.81 0.79
N VAL A 249 -19.42 -1.92 0.09
CA VAL A 249 -18.36 -2.92 -0.07
C VAL A 249 -18.04 -3.19 -1.54
N THR A 250 -16.76 -3.43 -1.82
CA THR A 250 -16.35 -3.74 -3.17
C THR A 250 -16.37 -5.24 -3.41
N MET A 251 -16.91 -5.63 -4.56
CA MET A 251 -16.98 -7.03 -4.89
C MET A 251 -15.68 -7.51 -5.54
N LYS A 252 -15.44 -8.81 -5.50
CA LYS A 252 -14.28 -9.43 -6.17
C LYS A 252 -14.30 -9.11 -7.67
N ARG A 253 -15.41 -9.39 -8.34
CA ARG A 253 -15.54 -9.00 -9.74
C ARG A 253 -16.90 -8.34 -10.03
N ASN A 254 -16.94 -7.49 -11.06
CA ASN A 254 -18.17 -6.84 -11.50
C ASN A 254 -19.17 -7.89 -11.87
N SER A 255 -20.44 -7.66 -11.54
CA SER A 255 -21.46 -8.67 -11.76
C SER A 255 -22.85 -8.08 -11.87
N ARG A 256 -23.77 -8.91 -12.33
CA ARG A 256 -25.19 -8.58 -12.40
C ARG A 256 -25.95 -9.80 -11.91
N ASN A 257 -25.23 -10.73 -11.34
CA ASN A 257 -25.81 -11.94 -10.82
C ASN A 257 -26.25 -11.71 -9.37
N LEU A 258 -27.55 -11.79 -9.14
CA LEU A 258 -28.15 -11.55 -7.83
C LEU A 258 -27.55 -12.43 -6.72
N GLU A 259 -27.42 -13.72 -6.99
CA GLU A 259 -26.89 -14.67 -6.01
C GLU A 259 -25.42 -14.43 -5.66
N GLU A 260 -24.66 -13.97 -6.65
CA GLU A 260 -23.26 -13.62 -6.46
C GLU A 260 -23.14 -12.31 -5.66
N ILE A 261 -24.08 -11.38 -5.88
CA ILE A 261 -24.06 -10.07 -5.23
C ILE A 261 -24.61 -10.08 -3.79
N LYS A 262 -25.71 -10.80 -3.59
CA LYS A 262 -26.39 -10.90 -2.29
C LYS A 262 -25.44 -10.91 -1.08
N PRO A 263 -24.40 -11.79 -1.09
CA PRO A 263 -23.54 -11.86 0.10
C PRO A 263 -22.87 -10.54 0.46
N TYR A 264 -22.47 -9.78 -0.56
CA TYR A 264 -21.81 -8.50 -0.33
C TYR A 264 -22.79 -7.48 0.24
N LEU A 265 -24.03 -7.52 -0.28
CA LEU A 265 -25.10 -6.67 0.18
C LEU A 265 -25.46 -6.94 1.65
N PHE A 266 -25.56 -8.21 2.00
CA PHE A 266 -25.84 -8.60 3.38
C PHE A 266 -24.71 -8.15 4.30
N ARG A 267 -23.48 -8.25 3.82
CA ARG A 267 -22.32 -7.74 4.56
C ARG A 267 -22.51 -6.27 4.89
N ALA A 268 -22.97 -5.50 3.91
CA ALA A 268 -23.21 -4.08 4.11
C ALA A 268 -24.30 -3.86 5.17
N ILE A 269 -25.35 -4.69 5.16
CA ILE A 269 -26.43 -4.55 6.12
C ILE A 269 -25.96 -4.84 7.54
N GLU A 270 -25.33 -6.00 7.73
CA GLU A 270 -24.82 -6.37 9.04
C GLU A 270 -23.98 -5.25 9.60
N GLU A 271 -23.02 -4.79 8.81
CA GLU A 271 -22.08 -3.77 9.28
C GLU A 271 -22.73 -2.42 9.56
N SER A 272 -23.69 -1.99 8.75
CA SER A 272 -24.34 -0.70 9.02
C SER A 272 -25.43 -0.82 10.07
N TYR A 273 -26.05 -1.98 10.13
CA TYR A 273 -27.07 -2.22 11.14
C TYR A 273 -26.44 -2.35 12.53
N TYR A 274 -25.25 -2.93 12.59
CA TYR A 274 -24.47 -2.94 13.83
C TYR A 274 -24.18 -1.51 14.30
N LYS A 275 -23.75 -0.64 13.37
CA LYS A 275 -23.43 0.77 13.66
C LYS A 275 -24.59 1.60 14.19
N LEU A 276 -25.82 1.26 13.79
CA LEU A 276 -27.00 2.01 14.21
C LEU A 276 -27.01 2.15 15.72
N ASP A 277 -26.68 1.06 16.39
CA ASP A 277 -26.44 1.06 17.82
C ASP A 277 -27.65 1.64 18.53
N LYS A 278 -28.75 0.90 18.51
CA LYS A 278 -29.98 1.27 19.23
C LYS A 278 -30.91 2.18 18.42
N ARG A 279 -30.39 2.90 17.44
CA ARG A 279 -31.25 3.69 16.55
C ARG A 279 -32.04 2.79 15.59
N ILE A 280 -33.31 3.15 15.37
CA ILE A 280 -34.23 2.41 14.51
C ILE A 280 -34.59 3.22 13.25
N PRO A 281 -34.04 2.83 12.08
CA PRO A 281 -34.29 3.61 10.86
C PRO A 281 -35.65 3.29 10.23
N LYS A 282 -36.23 4.24 9.51
CA LYS A 282 -37.45 3.99 8.76
C LYS A 282 -37.20 3.97 7.26
N ALA A 283 -36.04 4.47 6.83
CA ALA A 283 -35.68 4.41 5.43
C ALA A 283 -34.48 3.53 5.17
N ILE A 284 -34.51 2.85 4.03
CA ILE A 284 -33.38 2.05 3.59
C ILE A 284 -33.10 2.38 2.13
N HIS A 285 -31.84 2.67 1.83
CA HIS A 285 -31.38 2.87 0.46
C HIS A 285 -30.27 1.89 0.11
N VAL A 286 -30.36 1.30 -1.07
CA VAL A 286 -29.30 0.46 -1.59
C VAL A 286 -28.59 1.24 -2.71
N VAL A 287 -27.27 1.37 -2.61
CA VAL A 287 -26.46 1.93 -3.71
C VAL A 287 -25.75 0.85 -4.46
N ALA A 288 -25.58 1.11 -5.74
CA ALA A 288 -24.65 0.37 -6.54
C ALA A 288 -23.68 1.34 -7.15
N VAL A 289 -22.41 1.02 -7.05
CA VAL A 289 -21.40 1.68 -7.83
C VAL A 289 -21.14 0.76 -9.03
N THR A 290 -21.35 1.28 -10.22
CA THR A 290 -21.25 0.46 -11.43
C THR A 290 -19.82 0.33 -11.93
N GLU A 291 -19.61 -0.50 -12.94
CA GLU A 291 -18.27 -0.78 -13.46
C GLU A 291 -17.56 0.46 -14.01
N ASP A 292 -18.32 1.45 -14.48
CA ASP A 292 -17.74 2.72 -14.89
C ASP A 292 -17.63 3.72 -13.73
N LEU A 293 -18.02 3.28 -12.54
CA LEU A 293 -17.94 4.08 -11.30
C LEU A 293 -19.03 5.13 -11.16
N ASP A 294 -20.10 4.99 -11.94
CA ASP A 294 -21.30 5.79 -11.71
C ASP A 294 -22.05 5.22 -10.49
N ILE A 295 -22.83 6.06 -9.82
CA ILE A 295 -23.52 5.66 -8.59
C ILE A 295 -25.02 5.63 -8.84
N VAL A 296 -25.66 4.53 -8.50
CA VAL A 296 -27.11 4.39 -8.66
C VAL A 296 -27.70 3.93 -7.33
N SER A 297 -28.94 4.28 -7.04
CA SER A 297 -29.55 3.91 -5.78
C SER A 297 -31.06 3.74 -5.88
N ARG A 298 -31.59 2.86 -5.04
CA ARG A 298 -33.01 2.68 -4.91
C ARG A 298 -33.30 2.51 -3.42
N GLY A 299 -34.30 3.21 -2.93
CA GLY A 299 -34.61 3.17 -1.51
C GLY A 299 -36.10 3.06 -1.23
N ARG A 300 -36.46 2.94 0.04
CA ARG A 300 -37.85 2.96 0.46
C ARG A 300 -37.96 3.48 1.87
N THR A 301 -39.00 4.26 2.13
CA THR A 301 -39.40 4.65 3.47
C THR A 301 -40.66 3.90 3.89
N PHE A 302 -40.66 3.44 5.15
CA PHE A 302 -41.79 2.72 5.74
C PHE A 302 -42.47 3.59 6.77
N PRO A 303 -43.76 3.33 7.03
CA PRO A 303 -44.42 4.06 8.11
C PRO A 303 -43.98 3.58 9.50
N HIS A 304 -43.02 2.66 9.53
CA HIS A 304 -42.51 2.06 10.76
C HIS A 304 -41.01 1.81 10.62
N GLY A 305 -40.39 1.32 11.69
CA GLY A 305 -38.97 1.00 11.70
C GLY A 305 -38.63 -0.27 10.93
N ILE A 306 -37.38 -0.36 10.51
CA ILE A 306 -36.94 -1.50 9.74
C ILE A 306 -36.20 -2.46 10.65
N SER A 307 -36.74 -3.67 10.80
CA SER A 307 -36.02 -4.74 11.47
C SER A 307 -34.94 -5.28 10.54
N LYS A 308 -33.92 -5.89 11.13
CA LYS A 308 -32.83 -6.43 10.32
C LYS A 308 -33.34 -7.39 9.24
N GLU A 309 -34.34 -8.21 9.55
CA GLU A 309 -34.97 -9.05 8.53
C GLU A 309 -35.66 -8.28 7.40
N THR A 310 -36.34 -7.19 7.72
CA THR A 310 -36.95 -6.36 6.69
C THR A 310 -35.85 -5.75 5.84
N ALA A 311 -34.73 -5.40 6.48
CA ALA A 311 -33.58 -4.84 5.78
C ALA A 311 -33.05 -5.83 4.74
N TYR A 312 -32.87 -7.08 5.16
CA TYR A 312 -32.45 -8.14 4.25
C TYR A 312 -33.38 -8.30 3.07
N SER A 313 -34.66 -8.37 3.39
CA SER A 313 -35.69 -8.68 2.43
C SER A 313 -35.97 -7.52 1.45
N GLU A 314 -36.08 -6.31 1.99
CA GLU A 314 -36.29 -5.14 1.15
C GLU A 314 -35.06 -4.83 0.28
N SER A 315 -33.88 -4.94 0.87
CA SER A 315 -32.62 -4.81 0.13
C SER A 315 -32.60 -5.61 -1.17
N VAL A 316 -32.95 -6.89 -1.09
CA VAL A 316 -32.94 -7.74 -2.27
C VAL A 316 -33.87 -7.15 -3.32
N LYS A 317 -35.04 -6.68 -2.87
CA LYS A 317 -36.00 -6.06 -3.76
C LYS A 317 -35.44 -4.78 -4.39
N LEU A 318 -34.74 -3.98 -3.59
CA LEU A 318 -34.14 -2.74 -4.09
C LEU A 318 -33.01 -3.01 -5.09
N LEU A 319 -32.24 -4.05 -4.83
CA LEU A 319 -31.17 -4.41 -5.74
C LEU A 319 -31.74 -5.06 -7.00
N GLN A 320 -32.87 -5.74 -6.89
CA GLN A 320 -33.58 -6.24 -8.06
C GLN A 320 -34.02 -5.06 -8.92
N LYS A 321 -34.55 -4.05 -8.25
CA LYS A 321 -35.01 -2.84 -8.90
C LYS A 321 -33.88 -2.16 -9.68
N ILE A 322 -32.68 -2.12 -9.09
CA ILE A 322 -31.49 -1.57 -9.75
C ILE A 322 -31.13 -2.40 -10.99
N LEU A 323 -31.08 -3.72 -10.79
CA LEU A 323 -30.75 -4.69 -11.83
C LEU A 323 -31.70 -4.66 -13.04
N GLU A 324 -32.98 -4.36 -12.81
CA GLU A 324 -33.94 -4.21 -13.91
C GLU A 324 -33.79 -2.88 -14.64
N GLU A 325 -33.48 -1.83 -13.89
CA GLU A 325 -33.55 -0.47 -14.39
C GLU A 325 -32.23 0.12 -14.86
N ASP A 326 -31.13 -0.58 -14.59
CA ASP A 326 -29.82 -0.17 -15.07
C ASP A 326 -29.13 -1.37 -15.71
N GLU A 327 -28.55 -1.16 -16.89
CA GLU A 327 -27.99 -2.27 -17.67
C GLU A 327 -26.53 -2.59 -17.33
N ARG A 328 -25.94 -1.80 -16.45
CA ARG A 328 -24.50 -1.90 -16.21
C ARG A 328 -24.14 -2.96 -15.18
N LYS A 329 -22.93 -3.50 -15.31
CA LYS A 329 -22.36 -4.37 -14.29
C LYS A 329 -22.10 -3.55 -13.02
N ILE A 330 -22.20 -4.20 -11.87
CA ILE A 330 -22.01 -3.54 -10.58
C ILE A 330 -20.68 -3.93 -9.97
N ARG A 331 -19.95 -2.94 -9.48
CA ARG A 331 -18.65 -3.13 -8.85
C ARG A 331 -18.73 -3.05 -7.31
N ARG A 332 -19.51 -2.10 -6.80
CA ARG A 332 -19.68 -1.97 -5.35
C ARG A 332 -21.15 -1.93 -5.00
N ILE A 333 -21.52 -2.60 -3.92
CA ILE A 333 -22.89 -2.55 -3.46
C ILE A 333 -22.91 -2.03 -2.03
N GLY A 334 -23.96 -1.32 -1.67
CA GLY A 334 -24.03 -0.71 -0.35
C GLY A 334 -25.44 -0.45 0.11
N VAL A 335 -25.54 -0.03 1.36
CA VAL A 335 -26.84 0.22 1.95
C VAL A 335 -26.69 1.37 2.93
N ARG A 336 -27.73 2.18 3.05
CA ARG A 336 -27.76 3.17 4.10
C ARG A 336 -29.14 3.32 4.70
N PHE A 337 -29.15 3.62 5.99
CA PHE A 337 -30.34 3.68 6.80
C PHE A 337 -30.53 5.10 7.30
N SER A 338 -31.76 5.60 7.25
CA SER A 338 -32.04 6.96 7.68
C SER A 338 -33.44 7.09 8.24
N LYS A 339 -33.83 8.33 8.55
CA LYS A 339 -35.12 8.65 9.16
C LYS A 339 -35.33 7.83 10.43
N PHE A 340 -34.48 8.09 11.42
CA PHE A 340 -34.49 7.35 12.68
C PHE A 340 -35.68 7.77 13.50
N ILE A 341 -36.27 6.83 14.23
CA ILE A 341 -37.40 7.17 15.09
C ILE A 341 -36.89 8.02 16.25
N1 DOC B 13 -16.62 17.05 1.04
C2 DOC B 13 -17.09 15.77 1.39
N3 DOC B 13 -17.18 14.80 0.43
C4 DOC B 13 -16.82 15.06 -0.83
C5 DOC B 13 -16.33 16.35 -1.22
C6 DOC B 13 -16.24 17.30 -0.26
O2 DOC B 13 -17.41 15.59 2.56
N4 DOC B 13 -16.93 14.06 -1.71
C1' DOC B 13 -16.53 18.08 2.13
C2' DOC B 13 -15.17 18.76 2.29
C3' DOC B 13 -15.59 19.97 3.12
C4' DOC B 13 -17.00 20.29 2.62
O4' DOC B 13 -17.43 19.12 1.87
C5' DOC B 13 -17.13 21.52 1.73
O5' DOC B 13 -16.16 21.60 0.66
P DOC B 13 -16.33 22.75 -0.45
OP1 DOC B 13 -16.21 24.06 0.24
OP2 DOC B 13 -15.46 22.46 -1.60
N GLY D 1 -9.79 -16.79 -3.33
CA GLY D 1 -8.38 -16.74 -2.86
C GLY D 1 -7.81 -15.33 -2.82
N ILE D 2 -7.02 -15.04 -1.79
CA ILE D 2 -6.22 -13.81 -1.72
C ILE D 2 -4.81 -14.12 -1.21
N VAL D 3 -3.80 -13.79 -1.99
CA VAL D 3 -2.41 -14.04 -1.62
C VAL D 3 -1.70 -12.72 -1.39
N LEU D 4 -0.95 -12.64 -0.28
CA LEU D 4 -0.13 -11.48 0.03
C LEU D 4 1.33 -11.89 -0.07
N PHE D 5 2.01 -11.36 -1.09
CA PHE D 5 3.41 -11.70 -1.35
C PHE D 5 4.33 -10.59 -0.87
N VAL D 6 5.31 -10.98 -0.05
CA VAL D 6 6.28 -10.05 0.51
C VAL D 6 7.65 -10.24 -0.12
N ASP D 7 8.24 -9.13 -0.55
CA ASP D 7 9.57 -9.14 -1.14
C ASP D 7 10.43 -8.09 -0.46
N PHE D 8 11.58 -8.49 0.08
CA PHE D 8 12.46 -7.53 0.76
C PHE D 8 13.26 -6.76 -0.27
N ASP D 9 13.30 -5.44 -0.11
CA ASP D 9 13.94 -4.53 -1.06
C ASP D 9 15.45 -4.57 -0.96
N TYR D 10 16.10 -4.56 -2.12
CA TYR D 10 17.56 -4.64 -2.24
C TYR D 10 18.22 -5.31 -1.02
N PHE D 11 17.88 -6.58 -0.77
CA PHE D 11 17.97 -7.14 0.59
C PHE D 11 19.34 -7.09 1.30
N TYR D 12 20.39 -7.66 0.71
CA TYR D 12 21.69 -7.70 1.36
C TYR D 12 22.22 -6.31 1.64
N ALA D 13 22.12 -5.43 0.64
CA ALA D 13 22.56 -4.04 0.82
C ALA D 13 21.72 -3.30 1.84
N GLN D 14 20.41 -3.60 1.91
CA GLN D 14 19.57 -3.01 2.94
C GLN D 14 19.92 -3.49 4.34
N VAL D 15 20.38 -4.74 4.47
CA VAL D 15 20.81 -5.22 5.77
C VAL D 15 22.03 -4.44 6.28
N GLU D 16 22.98 -4.21 5.38
CA GLU D 16 24.17 -3.45 5.71
C GLU D 16 23.81 -2.06 6.23
N GLU D 17 22.85 -1.42 5.58
CA GLU D 17 22.31 -0.13 6.03
C GLU D 17 21.75 -0.21 7.46
N VAL D 18 21.06 -1.29 7.79
CA VAL D 18 20.56 -1.50 9.16
C VAL D 18 21.72 -1.67 10.15
N LEU D 19 22.78 -2.37 9.73
CA LEU D 19 23.96 -2.57 10.57
C LEU D 19 24.87 -1.35 10.68
N ASN D 20 24.85 -0.49 9.66
CA ASN D 20 25.57 0.78 9.70
C ASN D 20 24.68 1.84 9.05
N PRO D 21 23.82 2.49 9.86
CA PRO D 21 22.85 3.44 9.30
C PRO D 21 23.43 4.72 8.67
N SER D 22 24.77 4.84 8.66
CA SER D 22 25.45 5.96 8.00
C SER D 22 25.54 5.76 6.47
N LEU D 23 25.37 4.50 6.04
CA LEU D 23 25.34 4.13 4.63
C LEU D 23 24.00 4.52 3.98
N LYS D 24 23.00 4.79 4.82
CA LYS D 24 21.64 5.07 4.35
C LYS D 24 21.63 6.38 3.56
N GLY D 25 21.07 6.31 2.36
CA GLY D 25 21.07 7.43 1.41
C GLY D 25 22.40 7.64 0.68
N LYS D 26 23.22 6.59 0.64
CA LYS D 26 24.51 6.65 -0.04
C LYS D 26 24.62 5.42 -0.94
N PRO D 27 25.44 5.49 -2.00
CA PRO D 27 25.66 4.31 -2.86
C PRO D 27 26.28 3.13 -2.06
N VAL D 28 25.59 1.98 -2.07
CA VAL D 28 26.04 0.82 -1.28
C VAL D 28 26.03 -0.44 -2.13
N VAL D 29 27.19 -1.07 -2.27
CA VAL D 29 27.33 -2.25 -3.13
C VAL D 29 27.97 -3.41 -2.38
N VAL D 30 27.23 -4.52 -2.33
CA VAL D 30 27.64 -5.77 -1.68
C VAL D 30 28.19 -6.73 -2.72
N CYS D 31 29.38 -7.27 -2.46
CA CYS D 31 30.15 -7.96 -3.49
C CYS D 31 30.70 -9.27 -3.02
N VAL D 32 30.89 -10.18 -3.97
CA VAL D 32 31.59 -11.41 -3.68
C VAL D 32 33.02 -11.27 -4.21
N PHE D 33 33.98 -11.16 -3.30
CA PHE D 33 35.40 -11.08 -3.63
C PHE D 33 35.96 -12.48 -3.75
N SER D 34 36.40 -12.85 -4.95
CA SER D 34 36.80 -14.23 -5.20
C SER D 34 38.25 -14.49 -4.85
N GLY D 35 39.05 -13.42 -4.83
CA GLY D 35 40.44 -13.51 -4.41
C GLY D 35 41.34 -14.12 -5.45
N ARG D 36 40.84 -14.22 -6.68
CA ARG D 36 41.64 -14.73 -7.78
C ARG D 36 42.71 -13.71 -8.14
N PHE D 37 42.34 -12.44 -8.09
CA PHE D 37 43.27 -11.31 -8.10
C PHE D 37 42.64 -10.14 -7.31
N GLU D 38 43.36 -9.03 -7.20
CA GLU D 38 42.84 -7.83 -6.51
C GLU D 38 41.50 -7.36 -7.13
N ASP D 39 40.43 -7.42 -6.33
CA ASP D 39 39.09 -6.97 -6.73
C ASP D 39 38.37 -7.88 -7.72
N SER D 40 38.88 -9.10 -7.87
CA SER D 40 38.19 -10.14 -8.65
C SER D 40 36.86 -10.49 -8.01
N GLY D 41 35.85 -10.73 -8.83
CA GLY D 41 34.52 -11.10 -8.34
C GLY D 41 33.42 -10.27 -8.96
N ALA D 42 32.24 -10.31 -8.36
CA ALA D 42 31.10 -9.60 -8.92
C ALA D 42 30.14 -9.06 -7.87
N VAL D 43 29.28 -8.14 -8.34
CA VAL D 43 28.27 -7.55 -7.52
C VAL D 43 27.16 -8.55 -7.24
N ALA D 44 26.83 -8.72 -5.96
CA ALA D 44 25.69 -9.51 -5.52
C ALA D 44 24.44 -8.63 -5.44
N THR D 45 24.55 -7.50 -4.76
CA THR D 45 23.40 -6.61 -4.62
C THR D 45 23.85 -5.16 -4.41
N ALA D 46 23.09 -4.25 -4.99
CA ALA D 46 23.33 -2.82 -4.86
C ALA D 46 22.05 -2.13 -4.41
N ASN D 47 22.17 -1.05 -3.64
CA ASN D 47 20.99 -0.26 -3.28
C ASN D 47 20.54 0.64 -4.45
N TYR D 48 19.36 1.24 -4.33
CA TYR D 48 18.77 2.01 -5.44
C TYR D 48 19.57 3.24 -5.83
N GLU D 49 20.33 3.78 -4.87
CA GLU D 49 21.29 4.86 -5.13
C GLU D 49 22.37 4.40 -6.12
N ALA D 50 22.94 3.22 -5.85
CA ALA D 50 23.94 2.62 -6.71
C ALA D 50 23.35 2.17 -8.04
N ARG D 51 22.12 1.66 -8.01
CA ARG D 51 21.46 1.18 -9.21
C ARG D 51 21.21 2.29 -10.22
N LYS D 52 20.84 3.46 -9.72
CA LYS D 52 20.65 4.66 -10.53
C LYS D 52 21.83 4.89 -11.47
N PHE D 53 23.03 4.61 -10.98
CA PHE D 53 24.26 4.81 -11.77
C PHE D 53 24.62 3.59 -12.62
N GLY D 54 23.72 2.59 -12.62
CA GLY D 54 23.86 1.45 -13.52
C GLY D 54 24.46 0.19 -12.94
N VAL D 55 24.89 0.23 -11.68
CA VAL D 55 25.44 -0.98 -11.08
C VAL D 55 24.32 -1.94 -10.70
N LYS D 56 24.57 -3.22 -10.91
CA LYS D 56 23.57 -4.25 -10.67
C LYS D 56 24.23 -5.59 -10.42
N ALA D 57 23.45 -6.52 -9.87
CA ALA D 57 23.89 -7.87 -9.57
C ALA D 57 24.45 -8.53 -10.82
N GLY D 58 25.66 -9.06 -10.71
CA GLY D 58 26.26 -9.77 -11.82
C GLY D 58 27.47 -9.09 -12.43
N ILE D 59 27.47 -7.75 -12.45
CA ILE D 59 28.56 -7.02 -13.10
C ILE D 59 29.86 -7.12 -12.28
N PRO D 60 31.03 -7.16 -12.96
CA PRO D 60 32.31 -7.33 -12.28
C PRO D 60 32.59 -6.21 -11.30
N ILE D 61 33.32 -6.52 -10.21
CA ILE D 61 33.61 -5.52 -9.18
C ILE D 61 34.42 -4.34 -9.74
N VAL D 62 35.49 -4.65 -10.48
CA VAL D 62 36.37 -3.62 -11.03
C VAL D 62 35.60 -2.67 -11.94
N GLU D 63 34.56 -3.18 -12.59
CA GLU D 63 33.72 -2.40 -13.46
C GLU D 63 32.80 -1.47 -12.65
N ALA D 64 32.34 -1.94 -11.50
CA ALA D 64 31.51 -1.13 -10.60
C ALA D 64 32.28 0.06 -10.04
N LYS D 65 33.52 -0.21 -9.62
CA LYS D 65 34.41 0.81 -9.08
C LYS D 65 34.68 1.87 -10.14
N LYS D 66 34.73 1.46 -11.40
CA LYS D 66 34.93 2.39 -12.50
C LYS D 66 33.69 3.26 -12.78
N ILE D 67 32.52 2.76 -12.40
CA ILE D 67 31.27 3.52 -12.53
C ILE D 67 31.04 4.42 -11.30
N LEU D 68 31.14 3.83 -10.12
CA LEU D 68 31.05 4.55 -8.86
C LEU D 68 32.30 4.35 -8.01
N PRO D 69 33.34 5.17 -8.23
CA PRO D 69 34.56 4.96 -7.45
C PRO D 69 34.39 5.25 -5.95
N ASN D 70 33.54 6.20 -5.60
CA ASN D 70 33.32 6.56 -4.20
C ASN D 70 32.08 5.90 -3.57
N ALA D 71 31.57 4.82 -4.19
CA ALA D 71 30.56 3.96 -3.56
C ALA D 71 31.15 3.10 -2.44
N VAL D 72 30.29 2.66 -1.53
CA VAL D 72 30.72 1.77 -0.45
C VAL D 72 30.62 0.31 -0.89
N TYR D 73 31.78 -0.33 -0.97
CA TYR D 73 31.90 -1.71 -1.43
C TYR D 73 32.12 -2.63 -0.25
N LEU D 74 31.17 -3.52 -0.03
CA LEU D 74 31.22 -4.41 1.12
C LEU D 74 31.30 -5.87 0.71
N PRO D 75 31.99 -6.69 1.51
CA PRO D 75 31.96 -8.12 1.25
C PRO D 75 30.65 -8.76 1.67
N MET D 76 30.33 -9.90 1.08
CA MET D 76 29.17 -10.69 1.40
C MET D 76 29.17 -11.15 2.86
N ARG D 77 28.05 -11.00 3.54
CA ARG D 77 27.88 -11.53 4.89
C ARG D 77 26.60 -12.36 5.00
N LYS D 78 26.63 -13.53 4.35
CA LYS D 78 25.44 -14.36 4.17
C LYS D 78 24.73 -14.72 5.49
N GLU D 79 25.53 -15.12 6.49
CA GLU D 79 25.02 -15.57 7.79
C GLU D 79 24.13 -14.51 8.42
N VAL D 80 24.63 -13.29 8.46
CA VAL D 80 23.90 -12.13 8.97
C VAL D 80 22.56 -11.92 8.25
N TYR D 81 22.57 -12.05 6.92
CA TYR D 81 21.37 -11.85 6.10
C TYR D 81 20.32 -12.92 6.34
N GLN D 82 20.76 -14.17 6.42
CA GLN D 82 19.85 -15.29 6.64
C GLN D 82 19.24 -15.18 8.03
N GLN D 83 19.97 -14.60 8.97
CA GLN D 83 19.43 -14.34 10.30
C GLN D 83 18.30 -13.32 10.29
N VAL D 84 18.48 -12.26 9.51
CA VAL D 84 17.48 -11.21 9.39
C VAL D 84 16.25 -11.74 8.67
N SER D 85 16.49 -12.56 7.64
CA SER D 85 15.40 -13.15 6.88
C SER D 85 14.57 -14.10 7.74
N SER D 86 15.25 -14.94 8.52
CA SER D 86 14.57 -15.83 9.46
C SER D 86 13.63 -15.10 10.42
N ARG D 87 14.10 -14.00 11.00
CA ARG D 87 13.28 -13.22 11.95
C ARG D 87 12.05 -12.62 11.27
N ILE D 88 12.23 -12.12 10.05
CA ILE D 88 11.10 -11.59 9.29
C ILE D 88 10.11 -12.70 8.94
N MET D 89 10.61 -13.83 8.43
CA MET D 89 9.73 -14.98 8.12
C MET D 89 8.93 -15.43 9.36
N ASN D 90 9.49 -15.22 10.54
CA ASN D 90 8.76 -15.49 11.78
C ASN D 90 7.65 -14.47 12.03
N LEU D 91 7.93 -13.18 11.77
CA LEU D 91 6.92 -12.13 11.91
C LEU D 91 5.75 -12.42 11.00
N LEU D 92 6.07 -12.84 9.79
CA LEU D 92 5.07 -13.09 8.77
C LEU D 92 4.15 -14.23 9.18
N ARG D 93 4.72 -15.23 9.87
CA ARG D 93 3.94 -16.37 10.37
C ARG D 93 2.86 -15.93 11.35
N GLU D 94 3.16 -14.89 12.14
CA GLU D 94 2.19 -14.30 13.08
C GLU D 94 0.96 -13.75 12.38
N TYR D 95 1.07 -13.50 11.08
CA TYR D 95 -0.03 -12.98 10.27
C TYR D 95 -0.77 -14.10 9.55
N SER D 96 -0.04 -15.10 9.06
CA SER D 96 -0.62 -16.26 8.41
C SER D 96 0.18 -17.55 8.64
N GLU D 97 -0.53 -18.62 8.97
CA GLU D 97 0.11 -19.93 9.13
C GLU D 97 0.50 -20.52 7.77
N LYS D 98 -0.36 -20.31 6.76
CA LYS D 98 -0.07 -20.77 5.39
C LYS D 98 0.96 -19.85 4.75
N ILE D 99 2.23 -20.24 4.82
CA ILE D 99 3.29 -19.44 4.24
C ILE D 99 4.22 -20.26 3.33
N GLU D 100 4.56 -19.69 2.18
CA GLU D 100 5.53 -20.30 1.30
C GLU D 100 6.70 -19.37 1.12
N ILE D 101 7.82 -19.77 1.70
CA ILE D 101 9.08 -19.05 1.57
C ILE D 101 9.78 -19.50 0.29
N ALA D 102 9.78 -18.63 -0.72
CA ALA D 102 10.36 -18.95 -2.02
C ALA D 102 11.90 -18.78 -2.05
N SER D 103 12.40 -17.84 -1.25
CA SER D 103 13.84 -17.61 -1.12
C SER D 103 14.13 -16.84 0.15
N ILE D 104 15.38 -16.44 0.31
CA ILE D 104 15.81 -15.66 1.47
C ILE D 104 15.04 -14.33 1.61
N ASP D 105 14.58 -13.74 0.50
CA ASP D 105 13.91 -12.44 0.56
C ASP D 105 12.44 -12.43 0.19
N GLU D 106 11.90 -13.58 -0.21
CA GLU D 106 10.54 -13.64 -0.75
C GLU D 106 9.67 -14.66 -0.06
N ALA D 107 8.42 -14.31 0.19
CA ALA D 107 7.46 -15.21 0.83
C ALA D 107 6.03 -14.93 0.40
N TYR D 108 5.21 -15.99 0.31
CA TYR D 108 3.79 -15.84 -0.02
C TYR D 108 2.94 -16.21 1.17
N LEU D 109 1.93 -15.39 1.43
CA LEU D 109 1.00 -15.67 2.51
C LEU D 109 -0.40 -15.86 1.93
N ASP D 110 -1.01 -17.01 2.24
CA ASP D 110 -2.43 -17.22 1.94
C ASP D 110 -3.24 -16.61 3.07
N ILE D 111 -3.99 -15.57 2.75
CA ILE D 111 -4.75 -14.81 3.73
C ILE D 111 -6.24 -14.85 3.41
N SER D 112 -6.64 -15.89 2.67
CA SER D 112 -8.03 -16.06 2.22
C SER D 112 -9.06 -16.12 3.34
N ASP D 113 -8.71 -16.77 4.45
CA ASP D 113 -9.59 -16.82 5.61
C ASP D 113 -9.23 -15.77 6.68
N LYS D 114 -8.29 -14.88 6.36
CA LYS D 114 -7.87 -13.84 7.30
C LYS D 114 -8.51 -12.48 7.04
N VAL D 115 -8.86 -12.21 5.78
CA VAL D 115 -9.43 -10.91 5.39
C VAL D 115 -10.71 -11.10 4.60
N ARG D 116 -11.57 -10.08 4.59
CA ARG D 116 -12.82 -10.17 3.83
C ARG D 116 -12.66 -9.71 2.38
N ASP D 117 -11.90 -8.65 2.16
CA ASP D 117 -11.70 -8.13 0.82
C ASP D 117 -10.35 -7.47 0.65
N TYR D 118 -10.10 -6.96 -0.56
CA TYR D 118 -8.83 -6.33 -0.92
C TYR D 118 -8.50 -5.06 -0.12
N ARG D 119 -9.51 -4.25 0.19
CA ARG D 119 -9.34 -3.12 1.09
C ARG D 119 -8.73 -3.58 2.42
N GLU D 120 -9.26 -4.66 2.97
CA GLU D 120 -8.73 -5.22 4.21
C GLU D 120 -7.34 -5.84 3.98
N ALA D 121 -7.12 -6.47 2.82
CA ALA D 121 -5.81 -7.01 2.47
C ALA D 121 -4.75 -5.90 2.35
N TYR D 122 -5.13 -4.80 1.73
CA TYR D 122 -4.29 -3.63 1.55
C TYR D 122 -3.78 -3.11 2.88
N ASN D 123 -4.70 -2.91 3.82
CA ASN D 123 -4.37 -2.42 5.14
C ASN D 123 -3.47 -3.38 5.91
N LEU D 124 -3.68 -4.69 5.72
CA LEU D 124 -2.82 -5.69 6.32
C LEU D 124 -1.40 -5.59 5.78
N GLY D 125 -1.28 -5.40 4.46
CA GLY D 125 0.00 -5.20 3.79
C GLY D 125 0.73 -4.03 4.41
N LEU D 126 0.02 -2.93 4.61
CA LEU D 126 0.56 -1.78 5.32
C LEU D 126 0.98 -2.10 6.76
N GLU D 127 0.12 -2.81 7.50
CA GLU D 127 0.45 -3.24 8.85
C GLU D 127 1.72 -4.10 8.83
N ILE D 128 1.76 -5.07 7.92
CA ILE D 128 2.90 -5.94 7.76
C ILE D 128 4.16 -5.16 7.42
N LYS D 129 4.06 -4.26 6.44
CA LYS D 129 5.18 -3.40 6.08
C LYS D 129 5.70 -2.62 7.29
N ASN D 130 4.78 -2.02 8.05
CA ASN D 130 5.17 -1.24 9.22
C ASN D 130 5.77 -2.05 10.39
N LYS D 131 5.24 -3.26 10.64
CA LYS D 131 5.80 -4.10 11.69
C LYS D 131 7.24 -4.50 11.37
N ILE D 132 7.48 -4.88 10.12
CA ILE D 132 8.80 -5.28 9.64
C ILE D 132 9.80 -4.13 9.79
N LEU D 133 9.37 -2.91 9.46
CA LEU D 133 10.22 -1.74 9.61
C LEU D 133 10.52 -1.47 11.08
N GLU D 134 9.51 -1.63 11.92
CA GLU D 134 9.60 -1.33 13.34
C GLU D 134 10.57 -2.29 14.01
N LYS D 135 10.46 -3.56 13.64
CA LYS D 135 11.18 -4.63 14.30
C LYS D 135 12.48 -5.07 13.61
N GLU D 136 12.69 -4.67 12.36
CA GLU D 136 13.90 -5.05 11.64
C GLU D 136 14.52 -3.93 10.84
N LYS D 137 13.86 -2.77 10.82
CA LYS D 137 14.29 -1.58 10.07
C LYS D 137 14.42 -1.85 8.57
N ILE D 138 13.72 -2.88 8.10
CA ILE D 138 13.82 -3.33 6.71
C ILE D 138 12.59 -2.92 5.91
N THR D 139 12.84 -2.36 4.74
CA THR D 139 11.82 -1.96 3.80
C THR D 139 11.44 -3.16 2.92
N VAL D 140 10.15 -3.37 2.74
CA VAL D 140 9.66 -4.47 1.90
C VAL D 140 8.61 -3.98 0.92
N THR D 141 8.44 -4.73 -0.16
CA THR D 141 7.38 -4.50 -1.12
C THR D 141 6.36 -5.62 -1.00
N VAL D 142 5.09 -5.24 -1.01
CA VAL D 142 3.98 -6.17 -0.86
C VAL D 142 3.12 -6.14 -2.11
N GLY D 143 2.85 -7.33 -2.65
CA GLY D 143 1.93 -7.52 -3.77
C GLY D 143 0.75 -8.37 -3.35
N ILE D 144 -0.46 -7.97 -3.74
CA ILE D 144 -1.68 -8.64 -3.31
C ILE D 144 -2.54 -8.98 -4.53
N SER D 145 -2.97 -10.24 -4.62
CA SER D 145 -3.78 -10.68 -5.75
C SER D 145 -4.47 -12.01 -5.47
N LYS D 146 -5.20 -12.51 -6.46
CA LYS D 146 -5.97 -13.74 -6.27
C LYS D 146 -5.09 -14.98 -6.18
N ASN D 147 -3.91 -14.96 -6.80
CA ASN D 147 -2.97 -16.09 -6.72
C ASN D 147 -1.51 -15.63 -6.63
N LYS D 148 -0.60 -16.59 -6.45
CA LYS D 148 0.83 -16.32 -6.29
C LYS D 148 1.43 -15.49 -7.41
N VAL D 149 1.09 -15.85 -8.64
CA VAL D 149 1.77 -15.27 -9.80
C VAL D 149 1.44 -13.79 -9.94
N PHE D 150 0.16 -13.45 -9.80
CA PHE D 150 -0.22 -12.06 -9.88
C PHE D 150 0.22 -11.25 -8.68
N ALA D 151 0.30 -11.88 -7.51
CA ALA D 151 0.86 -11.23 -6.33
C ALA D 151 2.32 -10.87 -6.55
N LYS D 152 3.08 -11.79 -7.14
CA LYS D 152 4.46 -11.54 -7.52
C LYS D 152 4.58 -10.39 -8.52
N ILE D 153 3.74 -10.39 -9.56
CA ILE D 153 3.73 -9.29 -10.54
C ILE D 153 3.42 -7.97 -9.84
N ALA D 154 2.48 -7.99 -8.91
CA ALA D 154 2.10 -6.80 -8.19
C ALA D 154 3.30 -6.19 -7.49
N ALA D 155 4.09 -7.03 -6.80
CA ALA D 155 5.25 -6.52 -6.07
C ALA D 155 6.33 -6.00 -7.03
N ASP D 156 6.56 -6.74 -8.12
CA ASP D 156 7.48 -6.33 -9.17
C ASP D 156 7.19 -4.93 -9.71
N MET D 157 5.92 -4.59 -9.78
CA MET D 157 5.53 -3.31 -10.31
C MET D 157 5.64 -2.22 -9.27
N ALA D 158 5.81 -2.61 -8.01
CA ALA D 158 5.79 -1.65 -6.92
C ALA D 158 7.15 -1.46 -6.20
N LYS D 159 8.14 -2.30 -6.53
CA LYS D 159 9.51 -2.17 -5.99
C LYS D 159 10.05 -0.75 -6.20
N PRO D 160 10.76 -0.20 -5.21
CA PRO D 160 10.93 -0.71 -3.85
C PRO D 160 9.88 -0.10 -2.91
N ASN D 161 9.92 -0.46 -1.63
CA ASN D 161 9.02 0.10 -0.60
C ASN D 161 7.55 0.21 -1.03
N GLY D 162 7.07 -0.80 -1.75
CA GLY D 162 5.80 -0.68 -2.45
C GLY D 162 4.68 -1.42 -1.78
N ILE D 163 3.47 -1.15 -2.23
CA ILE D 163 2.32 -1.98 -1.97
C ILE D 163 1.40 -1.86 -3.16
N LYS D 164 0.92 -2.99 -3.67
CA LYS D 164 0.06 -2.96 -4.83
C LYS D 164 -0.90 -4.13 -4.87
N VAL D 165 -2.15 -3.82 -5.16
CA VAL D 165 -3.23 -4.77 -5.25
C VAL D 165 -3.54 -4.90 -6.72
N ILE D 166 -3.58 -6.13 -7.21
CA ILE D 166 -4.15 -6.40 -8.50
C ILE D 166 -5.40 -7.21 -8.23
N ASP D 167 -6.56 -6.56 -8.28
CA ASP D 167 -7.82 -7.26 -8.03
C ASP D 167 -8.24 -8.08 -9.24
N ASP D 168 -9.28 -8.89 -9.08
CA ASP D 168 -9.73 -9.82 -10.11
C ASP D 168 -10.02 -9.13 -11.46
N GLU D 169 -10.50 -7.90 -11.42
CA GLU D 169 -10.69 -7.12 -12.65
C GLU D 169 -9.37 -6.73 -13.32
N GLU D 170 -8.40 -6.27 -12.53
CA GLU D 170 -7.08 -5.93 -13.05
C GLU D 170 -6.33 -7.13 -13.61
N VAL D 171 -6.71 -8.32 -13.15
CA VAL D 171 -6.13 -9.56 -13.66
C VAL D 171 -6.51 -9.70 -15.14
N LYS D 172 -7.80 -9.57 -15.44
CA LYS D 172 -8.29 -9.62 -16.83
C LYS D 172 -7.52 -8.62 -17.70
N ARG D 173 -7.37 -7.41 -17.19
CA ARG D 173 -6.71 -6.33 -17.91
C ARG D 173 -5.22 -6.64 -18.14
N LEU D 174 -4.57 -7.21 -17.13
CA LEU D 174 -3.15 -7.53 -17.19
C LEU D 174 -2.85 -8.61 -18.20
N ILE D 175 -3.64 -9.67 -18.20
CA ILE D 175 -3.48 -10.75 -19.15
C ILE D 175 -3.29 -10.18 -20.57
N ARG D 176 -4.01 -9.10 -20.86
CA ARG D 176 -3.91 -8.44 -22.17
C ARG D 176 -2.72 -7.49 -22.28
N GLU D 177 -2.43 -6.76 -21.21
CA GLU D 177 -1.44 -5.67 -21.27
C GLU D 177 -0.03 -6.08 -20.79
N LEU D 178 0.06 -7.21 -20.09
CA LEU D 178 1.33 -7.66 -19.54
C LEU D 178 2.06 -8.52 -20.56
N ASP D 179 3.21 -8.02 -21.01
CA ASP D 179 4.06 -8.74 -21.95
C ASP D 179 4.68 -9.97 -21.32
N ILE D 180 4.83 -11.00 -22.14
CA ILE D 180 5.23 -12.34 -21.69
C ILE D 180 6.54 -12.38 -20.89
N ALA D 181 7.44 -11.44 -21.17
CA ALA D 181 8.71 -11.32 -20.45
C ALA D 181 8.52 -11.08 -18.96
N ASP D 182 7.45 -10.38 -18.60
CA ASP D 182 7.18 -10.00 -17.21
C ASP D 182 6.40 -11.05 -16.43
N VAL D 183 6.15 -12.19 -17.05
CA VAL D 183 5.48 -13.27 -16.35
C VAL D 183 6.54 -14.00 -15.51
N PRO D 184 6.23 -14.22 -14.24
CA PRO D 184 7.13 -15.00 -13.37
C PRO D 184 7.45 -16.34 -14.00
N GLY D 185 8.71 -16.74 -13.93
CA GLY D 185 9.17 -18.01 -14.50
C GLY D 185 9.39 -18.00 -16.01
N ILE D 186 9.13 -16.86 -16.65
CA ILE D 186 9.37 -16.70 -18.07
C ILE D 186 10.41 -15.61 -18.27
N GLY D 187 11.54 -15.98 -18.89
CA GLY D 187 12.64 -15.04 -19.12
C GLY D 187 12.90 -14.83 -20.58
N ASN D 188 14.04 -14.18 -20.88
CA ASN D 188 14.40 -13.80 -22.24
C ASN D 188 14.41 -14.94 -23.26
N ILE D 189 15.02 -16.08 -22.90
CA ILE D 189 15.10 -17.22 -23.82
C ILE D 189 13.71 -17.71 -24.23
N THR D 190 12.79 -17.87 -23.28
CA THR D 190 11.43 -18.29 -23.60
C THR D 190 10.67 -17.17 -24.32
N ALA D 191 10.84 -15.94 -23.85
CA ALA D 191 10.23 -14.76 -24.46
C ALA D 191 10.57 -14.61 -25.95
N GLU D 192 11.79 -15.01 -26.33
CA GLU D 192 12.22 -14.98 -27.74
C GLU D 192 11.50 -16.02 -28.59
N LYS D 193 11.48 -17.25 -28.13
CA LYS D 193 10.82 -18.34 -28.84
C LYS D 193 9.35 -18.00 -29.10
N LEU D 194 8.74 -17.28 -28.16
CA LEU D 194 7.36 -16.82 -28.30
C LEU D 194 7.24 -15.61 -29.22
N LYS D 195 8.13 -14.62 -29.05
CA LYS D 195 8.15 -13.48 -29.95
C LYS D 195 8.26 -13.95 -31.41
N LYS D 196 9.08 -14.98 -31.63
CA LYS D 196 9.21 -15.64 -32.94
C LYS D 196 7.91 -16.28 -33.41
N LEU D 197 6.89 -16.30 -32.55
CA LEU D 197 5.60 -16.85 -32.92
C LEU D 197 4.45 -15.85 -32.79
N GLY D 198 4.78 -14.57 -32.65
CA GLY D 198 3.76 -13.51 -32.58
C GLY D 198 3.19 -13.31 -31.19
N ILE D 199 3.59 -14.16 -30.25
CA ILE D 199 3.13 -14.07 -28.88
C ILE D 199 3.98 -13.06 -28.13
N ASN D 200 3.38 -11.94 -27.76
CA ASN D 200 4.02 -10.81 -27.07
C ASN D 200 3.36 -10.50 -25.72
N LYS D 201 2.09 -10.88 -25.56
CA LYS D 201 1.36 -10.68 -24.29
C LYS D 201 0.79 -12.03 -23.84
N LEU D 202 0.47 -12.13 -22.55
CA LEU D 202 -0.08 -13.36 -22.00
C LEU D 202 -1.32 -13.85 -22.75
N VAL D 203 -2.19 -12.93 -23.16
CA VAL D 203 -3.44 -13.25 -23.86
C VAL D 203 -3.23 -13.94 -25.21
N ASP D 204 -2.11 -13.61 -25.87
CA ASP D 204 -1.78 -14.16 -27.20
C ASP D 204 -1.65 -15.67 -27.23
N THR D 205 -1.26 -16.26 -26.09
CA THR D 205 -1.13 -17.70 -25.99
C THR D 205 -2.46 -18.42 -26.21
N LEU D 206 -3.56 -17.69 -26.01
CA LEU D 206 -4.90 -18.23 -26.22
C LEU D 206 -5.28 -18.28 -27.69
N SER D 207 -4.46 -17.68 -28.55
CA SER D 207 -4.76 -17.63 -29.99
C SER D 207 -4.08 -18.75 -30.76
N ILE D 208 -3.04 -19.32 -30.17
CA ILE D 208 -2.27 -20.38 -30.80
C ILE D 208 -2.77 -21.76 -30.35
N GLU D 209 -2.55 -22.77 -31.17
CA GLU D 209 -2.91 -24.15 -30.83
C GLU D 209 -1.91 -24.69 -29.79
N PHE D 210 -2.39 -25.57 -28.91
CA PHE D 210 -1.61 -26.02 -27.76
C PHE D 210 -0.32 -26.78 -28.12
N ASP D 211 -0.42 -27.70 -29.08
CA ASP D 211 0.72 -28.57 -29.46
C ASP D 211 1.84 -27.79 -30.14
N LYS D 212 1.46 -26.71 -30.82
CA LYS D 212 2.41 -25.77 -31.40
C LYS D 212 3.19 -25.01 -30.32
N LEU D 213 2.58 -24.85 -29.15
CA LEU D 213 3.25 -24.22 -28.00
C LEU D 213 4.01 -25.25 -27.17
N LYS D 214 3.35 -26.38 -26.92
CA LYS D 214 3.94 -27.56 -26.26
C LYS D 214 5.27 -27.92 -26.91
N GLY D 215 5.30 -27.89 -28.25
CA GLY D 215 6.51 -28.16 -29.00
C GLY D 215 7.59 -27.11 -28.78
N MET D 216 7.22 -25.84 -28.91
CA MET D 216 8.18 -24.75 -28.89
C MET D 216 8.92 -24.52 -27.56
N ILE D 217 8.20 -24.54 -26.44
CA ILE D 217 8.77 -24.17 -25.12
C ILE D 217 8.60 -25.24 -24.06
N GLY D 218 8.10 -26.40 -24.46
CA GLY D 218 7.90 -27.49 -23.53
C GLY D 218 6.51 -27.50 -22.90
N GLU D 219 6.13 -28.67 -22.38
CA GLU D 219 4.79 -28.93 -21.88
C GLU D 219 4.45 -28.10 -20.65
N ALA D 220 5.28 -28.22 -19.61
CA ALA D 220 5.04 -27.54 -18.35
C ALA D 220 4.81 -26.03 -18.52
N LYS D 221 5.73 -25.38 -19.24
CA LYS D 221 5.62 -23.94 -19.49
C LYS D 221 4.47 -23.56 -20.42
N ALA D 222 4.09 -24.48 -21.30
CA ALA D 222 2.94 -24.25 -22.17
C ALA D 222 1.64 -24.33 -21.37
N LYS D 223 1.56 -25.28 -20.44
CA LYS D 223 0.39 -25.48 -19.59
C LYS D 223 0.21 -24.32 -18.65
N TYR D 224 1.34 -23.86 -18.13
CA TYR D 224 1.40 -22.75 -17.19
C TYR D 224 0.91 -21.44 -17.83
N LEU D 225 1.46 -21.10 -19.00
CA LEU D 225 1.10 -19.87 -19.68
C LEU D 225 -0.37 -19.81 -20.04
N ILE D 226 -0.90 -20.93 -20.52
CA ILE D 226 -2.30 -21.00 -20.90
C ILE D 226 -3.23 -20.83 -19.68
N SER D 227 -2.91 -21.50 -18.57
CA SER D 227 -3.74 -21.39 -17.37
C SER D 227 -3.75 -19.97 -16.76
N LEU D 228 -2.61 -19.28 -16.79
CA LEU D 228 -2.60 -17.89 -16.38
C LEU D 228 -3.49 -17.10 -17.31
N ALA D 229 -3.28 -17.25 -18.61
CA ALA D 229 -4.06 -16.56 -19.65
C ALA D 229 -5.55 -16.81 -19.56
N ARG D 230 -5.94 -18.00 -19.10
CA ARG D 230 -7.35 -18.35 -18.96
C ARG D 230 -7.93 -17.85 -17.64
N ASP D 231 -7.06 -17.36 -16.77
CA ASP D 231 -7.35 -17.11 -15.34
C ASP D 231 -7.73 -18.41 -14.63
N GLU D 232 -7.31 -19.52 -15.22
CA GLU D 232 -7.51 -20.87 -14.71
C GLU D 232 -6.53 -21.15 -13.57
N TYR D 233 -5.29 -20.69 -13.72
CA TYR D 233 -4.19 -20.98 -12.79
C TYR D 233 -4.60 -20.77 -11.35
N ASN D 234 -4.22 -21.72 -10.49
CA ASN D 234 -4.77 -21.80 -9.15
C ASN D 234 -3.85 -22.41 -8.07
N GLU D 235 -2.57 -22.61 -8.40
CA GLU D 235 -1.63 -23.34 -7.52
C GLU D 235 -1.65 -22.82 -6.08
N PRO D 236 -1.84 -23.74 -5.12
CA PRO D 236 -1.97 -23.35 -3.71
C PRO D 236 -0.63 -22.97 -3.09
N ILE D 237 -0.68 -22.23 -1.98
CA ILE D 237 0.51 -21.94 -1.17
C ILE D 237 0.99 -23.25 -0.57
N ARG D 238 2.20 -23.67 -0.94
CA ARG D 238 2.75 -24.92 -0.41
C ARG D 238 3.92 -24.67 0.55
N THR D 239 3.77 -25.16 1.78
CA THR D 239 4.71 -24.85 2.84
C THR D 239 6.10 -25.44 2.62
N ARG D 240 6.19 -26.63 2.00
CA ARG D 240 7.49 -27.29 1.80
C ARG D 240 8.36 -26.55 0.77
N VAL D 241 8.02 -26.73 -0.51
CA VAL D 241 8.65 -26.07 -1.67
C VAL D 241 10.15 -26.34 -1.91
N ARG D 242 10.97 -26.26 -0.86
CA ARG D 242 12.42 -26.39 -1.00
C ARG D 242 12.81 -27.86 -1.14
N LYS D 243 13.43 -28.18 -2.27
CA LYS D 243 13.74 -29.56 -2.62
C LYS D 243 15.23 -29.85 -2.54
N SER D 244 16.06 -28.84 -2.80
CA SER D 244 17.51 -28.97 -2.78
C SER D 244 18.19 -27.70 -2.31
N ILE D 245 19.28 -27.87 -1.58
CA ILE D 245 20.03 -26.78 -0.96
C ILE D 245 21.51 -27.04 -1.19
N GLY D 246 22.24 -26.00 -1.54
CA GLY D 246 23.65 -26.16 -1.83
C GLY D 246 24.45 -24.88 -1.81
N ARG D 247 25.73 -25.03 -2.12
CA ARG D 247 26.65 -23.92 -2.21
C ARG D 247 27.83 -24.36 -3.05
N ILE D 248 28.18 -23.58 -4.05
CA ILE D 248 29.38 -23.88 -4.80
C ILE D 248 30.27 -22.64 -4.89
N VAL D 249 31.48 -22.75 -4.33
CA VAL D 249 32.40 -21.64 -4.14
C VAL D 249 33.47 -21.57 -5.22
N THR D 250 33.81 -20.35 -5.62
CA THR D 250 34.96 -20.13 -6.49
C THR D 250 36.26 -20.16 -5.68
N MET D 251 37.25 -20.87 -6.18
CA MET D 251 38.54 -20.95 -5.50
C MET D 251 39.49 -19.81 -5.91
N LYS D 252 40.53 -19.59 -5.13
CA LYS D 252 41.56 -18.58 -5.46
C LYS D 252 42.35 -18.91 -6.74
N ARG D 253 42.66 -20.18 -6.93
CA ARG D 253 43.21 -20.62 -8.22
C ARG D 253 42.61 -21.95 -8.67
N ASN D 254 42.60 -22.19 -9.97
CA ASN D 254 42.19 -23.47 -10.52
C ASN D 254 43.17 -24.56 -10.09
N SER D 255 42.64 -25.67 -9.60
CA SER D 255 43.45 -26.67 -8.90
C SER D 255 42.98 -28.09 -9.14
N ARG D 256 43.90 -29.03 -8.91
CA ARG D 256 43.59 -30.45 -8.90
C ARG D 256 44.04 -31.09 -7.59
N ASN D 257 44.67 -30.28 -6.74
CA ASN D 257 45.21 -30.74 -5.48
C ASN D 257 44.11 -30.93 -4.43
N LEU D 258 43.93 -32.17 -3.99
CA LEU D 258 42.88 -32.54 -3.03
C LEU D 258 42.91 -31.71 -1.75
N GLU D 259 44.11 -31.48 -1.23
CA GLU D 259 44.29 -30.76 0.03
C GLU D 259 43.98 -29.27 -0.12
N GLU D 260 44.15 -28.75 -1.32
CA GLU D 260 43.93 -27.34 -1.63
C GLU D 260 42.44 -27.08 -1.86
N ILE D 261 41.76 -28.06 -2.44
CA ILE D 261 40.33 -27.99 -2.72
C ILE D 261 39.51 -28.23 -1.44
N LYS D 262 39.94 -29.19 -0.63
CA LYS D 262 39.21 -29.56 0.60
C LYS D 262 38.64 -28.39 1.40
N PRO D 263 39.46 -27.37 1.75
CA PRO D 263 38.91 -26.29 2.59
C PRO D 263 37.73 -25.58 1.94
N TYR D 264 37.78 -25.42 0.62
CA TYR D 264 36.68 -24.83 -0.09
C TYR D 264 35.44 -25.72 0.01
N LEU D 265 35.64 -27.01 -0.22
CA LEU D 265 34.57 -27.98 -0.17
C LEU D 265 33.88 -27.98 1.19
N PHE D 266 34.68 -27.93 2.26
CA PHE D 266 34.15 -27.94 3.62
C PHE D 266 33.34 -26.69 3.93
N ARG D 267 33.81 -25.54 3.45
CA ARG D 267 33.09 -24.28 3.64
C ARG D 267 31.71 -24.41 3.01
N ALA D 268 31.66 -25.00 1.81
CA ALA D 268 30.39 -25.29 1.14
C ALA D 268 29.46 -26.16 1.98
N ILE D 269 29.99 -27.23 2.58
CA ILE D 269 29.19 -28.12 3.42
C ILE D 269 28.64 -27.37 4.64
N GLU D 270 29.52 -26.70 5.38
CA GLU D 270 29.08 -25.92 6.54
C GLU D 270 27.96 -24.96 6.16
N GLU D 271 28.17 -24.20 5.09
CA GLU D 271 27.17 -23.21 4.66
C GLU D 271 25.85 -23.84 4.26
N SER D 272 25.93 -24.99 3.57
CA SER D 272 24.74 -25.75 3.19
C SER D 272 24.00 -26.27 4.42
N TYR D 273 24.75 -26.73 5.42
CA TYR D 273 24.14 -27.20 6.65
C TYR D 273 23.53 -26.08 7.48
N TYR D 274 24.13 -24.91 7.46
CA TYR D 274 23.55 -23.76 8.14
C TYR D 274 22.19 -23.48 7.51
N LYS D 275 22.18 -23.44 6.17
CA LYS D 275 20.99 -23.20 5.36
C LYS D 275 19.93 -24.31 5.51
N LEU D 276 20.37 -25.56 5.64
CA LEU D 276 19.48 -26.71 5.83
C LEU D 276 18.63 -26.59 7.09
N ASP D 277 19.30 -26.21 8.19
CA ASP D 277 18.66 -25.97 9.48
C ASP D 277 17.60 -27.02 9.81
N LYS D 278 18.01 -28.12 10.42
CA LYS D 278 17.03 -29.10 10.94
C LYS D 278 16.50 -30.05 9.86
N ARG D 279 16.52 -29.62 8.60
CA ARG D 279 16.17 -30.52 7.52
C ARG D 279 17.33 -31.45 7.27
N ILE D 280 17.02 -32.74 7.16
CA ILE D 280 18.05 -33.75 6.97
C ILE D 280 17.96 -34.36 5.57
N PRO D 281 19.00 -34.16 4.74
CA PRO D 281 18.98 -34.68 3.38
C PRO D 281 19.30 -36.18 3.35
N LYS D 282 18.75 -36.87 2.35
CA LYS D 282 19.12 -38.26 2.09
C LYS D 282 20.11 -38.37 0.91
N ALA D 283 20.27 -37.27 0.17
CA ALA D 283 21.12 -37.29 -1.01
C ALA D 283 22.16 -36.18 -1.02
N ILE D 284 23.37 -36.51 -1.43
CA ILE D 284 24.44 -35.54 -1.58
C ILE D 284 25.07 -35.61 -2.98
N HIS D 285 25.42 -34.45 -3.52
CA HIS D 285 26.22 -34.40 -4.74
C HIS D 285 27.35 -33.41 -4.59
N VAL D 286 28.56 -33.85 -4.86
CA VAL D 286 29.66 -32.93 -5.07
C VAL D 286 29.60 -32.44 -6.53
N VAL D 287 29.65 -31.13 -6.70
CA VAL D 287 29.58 -30.48 -8.02
C VAL D 287 30.85 -29.69 -8.26
N ALA D 288 31.51 -29.96 -9.36
CA ALA D 288 32.73 -29.25 -9.74
C ALA D 288 32.52 -28.48 -11.02
N VAL D 289 32.98 -27.23 -11.05
CA VAL D 289 33.07 -26.48 -12.29
C VAL D 289 34.54 -26.42 -12.71
N THR D 290 34.83 -26.95 -13.90
CA THR D 290 36.22 -27.07 -14.33
C THR D 290 36.77 -25.76 -14.92
N GLU D 291 38.08 -25.73 -15.16
CA GLU D 291 38.77 -24.58 -15.77
C GLU D 291 38.08 -24.00 -17.00
N ASP D 292 37.50 -24.86 -17.84
CA ASP D 292 36.76 -24.42 -19.03
C ASP D 292 35.25 -24.42 -18.81
N LEU D 293 34.86 -24.24 -17.54
CA LEU D 293 33.48 -23.94 -17.15
C LEU D 293 32.44 -25.04 -17.39
N ASP D 294 32.93 -26.25 -17.64
CA ASP D 294 32.08 -27.42 -17.68
C ASP D 294 31.68 -27.83 -16.24
N ILE D 295 30.51 -28.42 -16.08
CA ILE D 295 30.07 -28.93 -14.79
C ILE D 295 30.21 -30.46 -14.75
N VAL D 296 30.95 -30.98 -13.76
CA VAL D 296 30.91 -32.43 -13.49
C VAL D 296 30.49 -32.69 -12.05
N SER D 297 29.52 -33.57 -11.85
CA SER D 297 29.06 -33.90 -10.52
C SER D 297 29.06 -35.39 -10.28
N ARG D 298 29.21 -35.76 -9.01
CA ARG D 298 29.07 -37.14 -8.56
C ARG D 298 28.26 -37.09 -7.27
N GLY D 299 27.33 -38.02 -7.13
CA GLY D 299 26.45 -38.01 -5.97
C GLY D 299 26.13 -39.37 -5.42
N ARG D 300 25.42 -39.39 -4.29
CA ARG D 300 24.98 -40.63 -3.68
C ARG D 300 23.69 -40.40 -2.91
N THR D 301 22.80 -41.39 -2.98
CA THR D 301 21.56 -41.39 -2.21
C THR D 301 21.61 -42.46 -1.14
N PHE D 302 21.37 -42.06 0.10
CA PHE D 302 21.33 -43.00 1.21
C PHE D 302 19.89 -43.39 1.56
N PRO D 303 19.70 -44.59 2.14
CA PRO D 303 18.37 -45.00 2.56
C PRO D 303 17.92 -44.28 3.83
N HIS D 304 18.83 -43.49 4.41
CA HIS D 304 18.57 -42.76 5.64
C HIS D 304 19.15 -41.35 5.54
N GLY D 305 18.92 -40.54 6.57
CA GLY D 305 19.42 -39.17 6.62
C GLY D 305 20.93 -39.06 6.72
N ILE D 306 21.46 -37.93 6.27
CA ILE D 306 22.89 -37.69 6.24
C ILE D 306 23.28 -36.66 7.29
N SER D 307 24.08 -37.11 8.25
CA SER D 307 24.65 -36.23 9.25
C SER D 307 25.74 -35.39 8.58
N LYS D 308 26.09 -34.27 9.19
CA LYS D 308 27.19 -33.45 8.68
C LYS D 308 28.47 -34.27 8.57
N GLU D 309 28.75 -35.06 9.60
CA GLU D 309 29.94 -35.90 9.64
C GLU D 309 30.01 -36.85 8.43
N THR D 310 28.88 -37.46 8.08
CA THR D 310 28.82 -38.29 6.87
C THR D 310 29.12 -37.48 5.61
N ALA D 311 28.48 -36.32 5.47
CA ALA D 311 28.69 -35.43 4.33
C ALA D 311 30.16 -35.10 4.10
N TYR D 312 30.89 -34.80 5.17
CA TYR D 312 32.31 -34.51 5.08
C TYR D 312 33.06 -35.62 4.38
N SER D 313 32.94 -36.83 4.92
CA SER D 313 33.73 -37.94 4.44
C SER D 313 33.20 -38.44 3.10
N GLU D 314 31.89 -38.41 2.92
CA GLU D 314 31.30 -38.83 1.65
C GLU D 314 31.61 -37.84 0.53
N SER D 315 31.64 -36.55 0.85
CA SER D 315 31.92 -35.56 -0.16
C SER D 315 33.36 -35.68 -0.65
N VAL D 316 34.27 -36.05 0.26
CA VAL D 316 35.67 -36.24 -0.11
C VAL D 316 35.81 -37.40 -1.09
N LYS D 317 35.07 -38.48 -0.84
CA LYS D 317 35.03 -39.63 -1.76
C LYS D 317 34.62 -39.20 -3.15
N LEU D 318 33.53 -38.45 -3.25
CA LEU D 318 32.99 -37.98 -4.52
C LEU D 318 33.93 -36.99 -5.24
N LEU D 319 34.62 -36.14 -4.49
CA LEU D 319 35.61 -35.26 -5.07
C LEU D 319 36.76 -36.10 -5.64
N GLN D 320 37.13 -37.16 -4.94
CA GLN D 320 38.15 -38.07 -5.47
C GLN D 320 37.67 -38.79 -6.74
N LYS D 321 36.38 -39.08 -6.81
CA LYS D 321 35.80 -39.73 -7.98
C LYS D 321 35.78 -38.77 -9.17
N ILE D 322 35.61 -37.48 -8.89
CA ILE D 322 35.68 -36.45 -9.92
C ILE D 322 37.12 -36.33 -10.44
N LEU D 323 38.06 -36.16 -9.50
CA LEU D 323 39.47 -35.99 -9.81
C LEU D 323 40.05 -37.16 -10.60
N GLU D 324 39.60 -38.37 -10.30
CA GLU D 324 40.07 -39.56 -10.99
C GLU D 324 39.42 -39.80 -12.36
N GLU D 325 38.25 -39.21 -12.58
CA GLU D 325 37.50 -39.47 -13.83
C GLU D 325 37.52 -38.31 -14.80
N ASP D 326 37.93 -37.15 -14.32
CA ASP D 326 38.06 -35.97 -15.14
C ASP D 326 39.45 -35.41 -14.91
N GLU D 327 40.17 -35.18 -15.99
CA GLU D 327 41.58 -34.81 -15.91
C GLU D 327 41.80 -33.29 -15.75
N ARG D 328 40.77 -32.49 -15.94
CA ARG D 328 40.87 -31.02 -15.89
C ARG D 328 41.00 -30.43 -14.47
N LYS D 329 41.63 -29.25 -14.37
CA LYS D 329 41.66 -28.46 -13.12
C LYS D 329 40.29 -27.89 -12.78
N ILE D 330 40.03 -27.77 -11.48
CA ILE D 330 38.74 -27.32 -10.96
C ILE D 330 38.79 -25.83 -10.59
N ARG D 331 37.76 -25.09 -10.99
CA ARG D 331 37.65 -23.66 -10.71
C ARG D 331 36.71 -23.39 -9.52
N ARG D 332 35.58 -24.08 -9.51
CA ARG D 332 34.60 -23.95 -8.44
C ARG D 332 34.25 -25.33 -7.92
N ILE D 333 34.11 -25.43 -6.61
CA ILE D 333 33.75 -26.69 -5.97
C ILE D 333 32.60 -26.44 -5.00
N GLY D 334 31.74 -27.42 -4.86
CA GLY D 334 30.62 -27.31 -3.97
C GLY D 334 29.77 -28.54 -3.93
N VAL D 335 28.63 -28.39 -3.27
CA VAL D 335 27.87 -29.52 -2.80
C VAL D 335 26.39 -29.18 -2.84
N ARG D 336 25.55 -30.17 -3.12
CA ARG D 336 24.11 -30.00 -3.18
C ARG D 336 23.48 -31.12 -2.37
N PHE D 337 22.52 -30.76 -1.54
CA PHE D 337 21.80 -31.75 -0.75
C PHE D 337 20.34 -31.75 -1.17
N SER D 338 19.78 -32.95 -1.32
CA SER D 338 18.40 -33.09 -1.75
C SER D 338 17.73 -34.28 -1.05
N LYS D 339 16.46 -34.52 -1.38
CA LYS D 339 15.67 -35.61 -0.80
C LYS D 339 15.62 -35.50 0.72
N PHE D 340 14.99 -34.44 1.19
CA PHE D 340 14.98 -34.13 2.62
C PHE D 340 13.96 -34.93 3.38
N ILE D 341 14.37 -35.42 4.55
CA ILE D 341 13.41 -35.84 5.58
C ILE D 341 12.72 -34.56 6.07
N1 DOC E 13 17.56 -15.24 -11.75
C2 DOC E 13 18.66 -15.99 -11.32
N3 DOC E 13 19.76 -16.03 -12.11
C4 DOC E 13 19.81 -15.36 -13.26
C5 DOC E 13 18.70 -14.58 -13.72
C6 DOC E 13 17.61 -14.55 -12.94
O2 DOC E 13 18.59 -16.60 -10.24
N4 DOC E 13 20.91 -15.42 -14.00
C1' DOC E 13 16.33 -15.18 -10.90
C2' DOC E 13 15.65 -13.82 -10.86
C3' DOC E 13 14.30 -14.23 -10.30
C4' DOC E 13 14.08 -15.62 -10.89
O4' DOC E 13 15.37 -16.05 -11.41
C5' DOC E 13 13.02 -15.69 -11.97
O5' DOC E 13 13.11 -14.70 -13.00
P DOC E 13 12.08 -14.86 -14.22
OP1 DOC E 13 10.70 -14.69 -13.72
OP2 DOC E 13 12.50 -13.99 -15.36
PG DGT G . -6.47 17.62 7.07
O1G DGT G . -5.73 16.83 8.13
O2G DGT G . -6.51 17.14 5.60
O3G DGT G . -5.07 18.15 6.78
O3B DGT G . -6.82 19.20 7.23
PB DGT G . -8.11 19.66 6.34
O1B DGT G . -7.61 20.64 5.30
O2B DGT G . -9.15 20.35 7.20
O3A DGT G . -8.83 18.40 5.61
PA DGT G . -10.11 18.65 4.66
O1A DGT G . -9.89 19.82 3.73
O2A DGT G . -11.38 18.93 5.45
O5' DGT G . -10.37 17.31 3.80
C5' DGT G . -9.84 16.03 4.19
C4' DGT G . -10.33 15.65 5.59
O4' DGT G . -11.21 14.53 5.55
C3' DGT G . -9.17 15.25 6.49
O3' DGT G . -9.28 15.87 7.79
C2' DGT G . -9.25 13.74 6.63
C1' DGT G . -10.56 13.34 5.98
N9 DGT G . -10.34 12.51 4.79
C8 DGT G . -9.73 12.87 3.61
N7 DGT G . -9.69 11.91 2.72
C5 DGT G . -10.32 10.84 3.37
C6 DGT G . -10.58 9.53 2.91
O6 DGT G . -10.29 9.05 1.80
N1 DGT G . -11.23 8.77 3.88
C2 DGT G . -11.62 9.17 5.15
N2 DGT G . -12.26 8.29 5.94
N3 DGT G . -11.37 10.42 5.56
C4 DGT G . -10.73 11.19 4.63
CA CA H . -10.98 18.49 7.68
CA CA I . -7.67 19.69 9.32
CA CA J . -13.63 25.90 -2.92
N AF K . -19.23 6.67 1.67
C2 AF K . -20.54 6.28 1.40
C3 AF K . -21.09 5.15 2.02
C4 AF K . -22.39 4.77 1.74
C4A AF K . -23.15 5.52 0.83
C4B AF K . -24.54 5.33 0.35
C5 AF K . -25.50 4.38 0.67
C6 AF K . -26.76 4.43 0.07
C7 AF K . -27.06 5.44 -0.84
C8 AF K . -26.10 6.40 -1.15
C8A AF K . -24.85 6.35 -0.57
C9 AF K . -23.63 7.24 -0.70
C9A AF K . -22.59 6.65 0.22
C1 AF K . -21.30 7.02 0.49
PG DGT L . 17.21 -7.95 -4.39
O1G DGT L . 18.58 -7.37 -4.19
O2G DGT L . 17.27 -9.45 -4.53
O3G DGT L . 16.31 -7.60 -3.21
O3B DGT L . 16.58 -7.38 -5.75
PB DGT L . 15.29 -8.28 -6.09
O1B DGT L . 14.14 -7.68 -5.31
O2B DGT L . 15.58 -9.74 -5.73
O3A DGT L . 14.91 -8.11 -7.66
PA DGT L . 15.06 -9.46 -8.53
O1A DGT L . 15.00 -9.06 -9.98
O2A DGT L . 13.95 -10.43 -8.19
O5' DGT L . 16.46 -10.20 -8.23
C5' DGT L . 16.52 -11.63 -8.23
C4' DGT L . 17.93 -12.17 -8.00
O4' DGT L . 18.58 -12.52 -9.21
C3' DGT L . 18.86 -11.17 -7.31
O3' DGT L . 19.04 -11.58 -5.95
C2' DGT L . 20.19 -11.29 -8.03
C1' DGT L . 19.99 -12.51 -8.93
N9 DGT L . 20.86 -12.48 -10.10
C8 DGT L . 20.55 -12.25 -11.42
N7 DGT L . 21.59 -12.29 -12.21
C5 DGT L . 22.65 -12.59 -11.37
C6 DGT L . 24.02 -12.78 -11.62
O6 DGT L . 24.62 -12.72 -12.69
N1 DGT L . 24.73 -13.05 -10.45
C2 DGT L . 24.22 -13.15 -9.18
N2 DGT L . 25.06 -13.43 -8.16
N3 DGT L . 22.93 -12.98 -8.94
C4 DGT L . 22.21 -12.71 -10.07
CA CA M . 15.14 -12.38 -4.61
CA CA N . 14.12 -8.54 -3.15
CA CA O . 10.34 -12.67 -16.38
N AF P . 27.62 -17.30 -9.40
C2 AF P . 28.55 -17.40 -10.45
C3 AF P . 29.82 -17.86 -10.09
C4 AF P . 30.80 -17.99 -11.05
C4A AF P . 30.50 -17.65 -12.38
C4B AF P . 31.36 -17.71 -13.57
C5 AF P . 32.70 -18.09 -13.72
C6 AF P . 33.29 -18.03 -14.97
C7 AF P . 32.56 -17.61 -16.07
C8 AF P . 31.23 -17.22 -15.93
C8A AF P . 30.63 -17.26 -14.68
C9 AF P . 29.23 -16.91 -14.22
C9A AF P . 29.22 -17.18 -12.73
C1 AF P . 28.25 -17.06 -11.76
#